data_6W32
#
_entry.id   6W32
#
_cell.length_a   205.343
_cell.length_b   205.343
_cell.length_c   68.313
_cell.angle_alpha   90.000
_cell.angle_beta   90.000
_cell.angle_gamma   90.000
#
_symmetry.space_group_name_H-M   'P 43 21 2'
#
loop_
_entity.id
_entity.type
_entity.pdbx_description
1 polymer 'Phosphatidylinositol transfer protein SFH5'
2 non-polymer 'PROTOPORPHYRIN IX CONTAINING FE'
#
_entity_poly.entity_id   1
_entity_poly.type   'polypeptide(L)'
_entity_poly.pdbx_seq_one_letter_code
;MGHHHHHHHHMKFDNDSEKQVFDKLKKAIPGIIKEKCAGYDELYGYKLNPEGLTQEEVDKYYDEKIADRLTYKLCKAYQF
EYSTIVQNLIDILNWRREFNPLSCAYKEVHNTELQNVGILTFDANGDANKKAVTWNLYGQLVKKKELFQNVDKFVRYRIG
LMEKGLSLLDFTSSDNNYMTQVHDYKGVSVWRMDSDIKNCSKTVIGIFQKYYPELLYAKYFVNVPTVFGWVYDLIKKFVD
ETTRKKFVVLTDGSKLGQYLKDCPYEGYGGKDKKNNLTKQNVTNVHPTEYGLYILQKQIIEDVE
;
_entity_poly.pdbx_strand_id   B,A,C
#
# COMPACT_ATOMS: atom_id res chain seq x y z
N MET A 11 15.33 24.46 -31.79
CA MET A 11 14.15 24.53 -32.66
C MET A 11 14.57 24.95 -34.06
N LYS A 12 13.97 24.30 -35.05
CA LYS A 12 14.46 24.28 -36.42
C LYS A 12 13.49 24.99 -37.35
N PHE A 13 13.97 25.98 -38.09
CA PHE A 13 13.18 26.65 -39.12
C PHE A 13 13.64 26.23 -40.51
N ASP A 14 12.70 25.94 -41.39
CA ASP A 14 13.05 25.59 -42.77
C ASP A 14 13.65 26.76 -43.55
N ASN A 15 13.25 27.99 -43.25
CA ASN A 15 13.71 29.15 -44.00
C ASN A 15 13.48 30.34 -43.10
N ASP A 16 14.27 31.42 -43.31
CA ASP A 16 14.16 32.62 -42.49
C ASP A 16 12.70 33.04 -42.30
N SER A 17 11.88 32.91 -43.35
CA SER A 17 10.56 33.49 -43.24
C SER A 17 9.74 32.80 -42.17
N GLU A 18 9.99 31.51 -41.92
CA GLU A 18 9.35 30.88 -40.77
C GLU A 18 9.92 31.43 -39.47
N LYS A 19 11.24 31.55 -39.35
CA LYS A 19 11.77 32.16 -38.13
C LYS A 19 11.34 33.61 -37.98
N GLN A 20 10.87 34.24 -39.04
CA GLN A 20 10.35 35.58 -38.85
C GLN A 20 8.92 35.57 -38.36
N VAL A 21 8.14 34.53 -38.68
CA VAL A 21 6.84 34.54 -38.02
C VAL A 21 6.97 34.08 -36.58
N PHE A 22 8.01 33.34 -36.23
CA PHE A 22 8.20 33.10 -34.82
C PHE A 22 8.57 34.40 -34.11
N ASP A 23 9.54 35.12 -34.67
CA ASP A 23 9.98 36.37 -34.03
C ASP A 23 8.82 37.35 -33.89
N LYS A 24 7.97 37.46 -34.91
CA LYS A 24 6.83 38.37 -34.81
C LYS A 24 5.85 37.91 -33.74
N LEU A 25 5.41 36.65 -33.82
CA LEU A 25 4.46 36.13 -32.84
C LEU A 25 4.94 36.27 -31.41
N LYS A 26 6.21 35.99 -31.13
CA LYS A 26 6.72 36.09 -29.77
C LYS A 26 6.53 37.50 -29.23
N LYS A 27 6.72 38.51 -30.08
CA LYS A 27 6.58 39.87 -29.63
C LYS A 27 5.14 40.34 -29.65
N ALA A 28 4.28 39.71 -30.44
CA ALA A 28 2.89 40.13 -30.47
C ALA A 28 2.10 39.59 -29.30
N ILE A 29 2.67 38.66 -28.53
CA ILE A 29 1.88 37.93 -27.54
C ILE A 29 1.29 38.84 -26.46
N PRO A 30 2.06 39.73 -25.82
CA PRO A 30 1.47 40.64 -24.83
C PRO A 30 0.19 41.34 -25.29
N GLY A 31 0.26 42.08 -26.39
CA GLY A 31 -0.94 42.72 -26.92
C GLY A 31 -2.03 41.72 -27.26
N ILE A 32 -1.67 40.60 -27.90
CA ILE A 32 -2.69 39.60 -28.26
C ILE A 32 -3.46 39.17 -27.02
N ILE A 33 -2.72 38.79 -25.98
CA ILE A 33 -3.31 38.10 -24.84
C ILE A 33 -4.29 39.00 -24.14
N LYS A 34 -3.93 40.25 -24.09
CA LYS A 34 -4.41 41.40 -23.36
C LYS A 34 -5.66 42.01 -24.04
N GLU A 35 -5.61 42.23 -25.36
CA GLU A 35 -6.73 42.81 -26.09
C GLU A 35 -7.81 41.79 -26.47
N LYS A 36 -7.50 40.50 -26.61
CA LYS A 36 -8.44 39.57 -27.27
C LYS A 36 -8.62 38.26 -26.53
N CYS A 37 -7.68 37.94 -25.65
CA CYS A 37 -7.79 36.75 -24.80
C CYS A 37 -8.23 37.07 -23.38
N ALA A 38 -8.43 38.36 -23.10
CA ALA A 38 -8.58 38.82 -21.75
C ALA A 38 -7.42 38.30 -20.89
N GLY A 39 -6.15 38.66 -21.17
CA GLY A 39 -5.06 38.62 -20.18
C GLY A 39 -4.81 37.25 -19.55
N TYR A 40 -5.56 36.25 -19.98
CA TYR A 40 -5.28 34.89 -19.55
C TYR A 40 -4.13 34.31 -20.36
N ASP A 41 -3.07 33.83 -19.69
CA ASP A 41 -1.88 33.40 -20.39
C ASP A 41 -1.37 32.07 -19.83
N GLU A 42 -2.28 31.24 -19.31
CA GLU A 42 -1.92 29.92 -18.88
C GLU A 42 -2.04 28.98 -20.07
N LEU A 43 -0.93 28.39 -20.49
CA LEU A 43 -0.94 27.41 -21.57
C LEU A 43 -0.34 26.11 -21.04
N TYR A 44 -1.11 25.03 -21.04
CA TYR A 44 -0.52 23.74 -20.70
C TYR A 44 0.19 23.84 -19.36
N GLY A 45 -0.37 24.61 -18.44
CA GLY A 45 0.19 24.76 -17.11
C GLY A 45 1.43 25.65 -16.98
N TYR A 46 1.73 26.47 -17.99
CA TYR A 46 2.90 27.31 -17.95
C TYR A 46 2.48 28.73 -18.34
N LYS A 47 3.29 29.70 -17.89
CA LYS A 47 3.01 31.10 -18.12
C LYS A 47 3.77 31.54 -19.35
N LEU A 48 3.08 32.24 -20.24
CA LEU A 48 3.72 32.76 -21.40
C LEU A 48 3.54 34.23 -21.68
N ASN A 49 3.23 35.00 -20.64
CA ASN A 49 3.05 36.44 -20.79
C ASN A 49 3.95 37.24 -19.84
N PRO A 50 5.04 37.75 -20.35
CA PRO A 50 5.80 38.68 -19.55
C PRO A 50 5.12 40.04 -19.62
N GLN A 55 2.68 44.05 -11.45
CA GLN A 55 2.73 42.63 -11.79
C GLN A 55 4.11 42.24 -12.29
N GLU A 56 5.09 42.28 -11.40
CA GLU A 56 6.44 41.81 -11.67
C GLU A 56 6.78 40.60 -10.80
N GLU A 57 5.75 39.91 -10.36
CA GLU A 57 5.87 38.56 -9.81
C GLU A 57 6.43 37.65 -10.91
N VAL A 58 6.35 38.11 -12.14
CA VAL A 58 6.82 37.40 -13.29
C VAL A 58 8.32 37.22 -13.17
N ASP A 59 8.93 37.85 -12.17
CA ASP A 59 10.31 37.56 -11.84
C ASP A 59 10.38 36.08 -11.55
N LYS A 60 9.31 35.56 -11.01
CA LYS A 60 9.28 34.27 -10.33
C LYS A 60 8.72 33.12 -11.15
N TYR A 61 7.70 33.37 -11.98
CA TYR A 61 6.92 32.29 -12.58
C TYR A 61 6.90 32.35 -14.10
N TYR A 62 7.99 32.74 -14.76
CA TYR A 62 7.97 32.86 -16.22
C TYR A 62 9.26 32.28 -16.79
N ASP A 63 9.18 31.06 -17.29
CA ASP A 63 10.35 30.43 -17.91
C ASP A 63 10.33 30.76 -19.40
N GLU A 64 11.38 31.44 -19.86
CA GLU A 64 11.37 31.91 -21.24
C GLU A 64 11.54 30.75 -22.21
N LYS A 65 12.48 29.84 -21.94
CA LYS A 65 12.61 28.77 -22.92
C LYS A 65 11.36 27.91 -22.96
N ILE A 66 10.55 27.85 -21.91
CA ILE A 66 9.31 27.08 -22.02
C ILE A 66 8.28 27.84 -22.81
N ALA A 67 8.13 29.12 -22.52
CA ALA A 67 7.25 29.95 -23.31
C ALA A 67 7.64 29.89 -24.78
N ASP A 68 8.93 29.88 -25.07
CA ASP A 68 9.34 29.87 -26.47
C ASP A 68 9.07 28.52 -27.15
N ARG A 69 9.35 27.40 -26.47
CA ARG A 69 9.07 26.12 -27.11
C ARG A 69 7.57 25.97 -27.36
N LEU A 70 6.74 26.48 -26.45
CA LEU A 70 5.31 26.31 -26.67
C LEU A 70 4.81 27.15 -27.85
N THR A 71 5.33 28.37 -28.03
CA THR A 71 4.84 29.08 -29.21
C THR A 71 5.42 28.49 -30.49
N TYR A 72 6.65 27.93 -30.46
CA TYR A 72 7.14 27.12 -31.58
C TYR A 72 6.16 26.00 -31.92
N LYS A 73 5.69 25.37 -30.89
CA LYS A 73 4.81 24.26 -31.03
C LYS A 73 3.59 24.72 -31.74
N LEU A 74 3.14 25.93 -31.48
CA LEU A 74 1.92 26.41 -32.10
C LEU A 74 2.13 26.87 -33.55
N CYS A 75 3.29 27.46 -33.86
CA CYS A 75 3.65 27.72 -35.27
C CYS A 75 3.71 26.45 -36.09
N LYS A 76 4.42 25.42 -35.58
CA LYS A 76 4.50 24.14 -36.28
C LYS A 76 3.11 23.57 -36.54
N ALA A 77 2.23 23.69 -35.57
CA ALA A 77 0.89 23.17 -35.73
C ALA A 77 0.14 23.85 -36.86
N TYR A 78 0.38 25.12 -37.11
CA TYR A 78 -0.41 25.87 -38.06
C TYR A 78 0.46 26.30 -39.24
N GLN A 79 1.53 25.53 -39.45
CA GLN A 79 2.30 25.57 -40.69
C GLN A 79 2.97 26.93 -40.87
N PHE A 80 3.23 27.61 -39.76
CA PHE A 80 3.90 28.89 -39.80
C PHE A 80 3.13 29.91 -40.63
N GLU A 81 1.81 29.74 -40.72
CA GLU A 81 0.96 30.76 -41.31
C GLU A 81 0.54 31.70 -40.19
N TYR A 82 1.09 32.92 -40.20
CA TYR A 82 0.97 33.79 -39.04
C TYR A 82 -0.47 34.00 -38.63
N SER A 83 -1.25 34.60 -39.52
CA SER A 83 -2.56 35.03 -39.07
C SER A 83 -3.43 33.87 -38.62
N THR A 84 -3.17 32.65 -39.11
CA THR A 84 -3.82 31.46 -38.57
C THR A 84 -3.30 31.11 -37.18
N ILE A 85 -2.02 31.31 -36.93
CA ILE A 85 -1.49 30.97 -35.62
C ILE A 85 -2.15 31.80 -34.54
N VAL A 86 -2.11 33.13 -34.69
CA VAL A 86 -2.70 33.97 -33.64
C VAL A 86 -4.18 33.65 -33.46
N GLN A 87 -4.94 33.48 -34.54
CA GLN A 87 -6.36 33.24 -34.36
C GLN A 87 -6.61 32.01 -33.49
N ASN A 88 -5.77 30.96 -33.61
CA ASN A 88 -6.00 29.74 -32.83
C ASN A 88 -5.39 29.86 -31.44
N LEU A 89 -4.30 30.61 -31.32
CA LEU A 89 -3.80 30.98 -30.00
C LEU A 89 -4.90 31.72 -29.20
N ILE A 90 -5.70 32.57 -29.86
CA ILE A 90 -6.83 33.14 -29.15
C ILE A 90 -7.82 32.06 -28.79
N ASP A 91 -8.21 31.26 -29.76
CA ASP A 91 -9.25 30.27 -29.46
C ASP A 91 -8.82 29.31 -28.36
N ILE A 92 -7.53 28.99 -28.30
CA ILE A 92 -7.06 28.12 -27.22
C ILE A 92 -7.18 28.83 -25.87
N LEU A 93 -6.53 29.98 -25.73
CA LEU A 93 -6.49 30.67 -24.44
C LEU A 93 -7.91 31.04 -23.96
N ASN A 94 -8.79 31.44 -24.85
CA ASN A 94 -10.15 31.74 -24.39
C ASN A 94 -10.81 30.49 -23.86
N TRP A 95 -10.73 29.39 -24.61
CA TRP A 95 -11.28 28.12 -24.14
C TRP A 95 -10.68 27.72 -22.79
N ARG A 96 -9.39 27.97 -22.58
CA ARG A 96 -8.79 27.61 -21.30
C ARG A 96 -9.42 28.39 -20.16
N ARG A 97 -9.89 29.62 -20.42
CA ARG A 97 -10.67 30.38 -19.44
C ARG A 97 -12.10 29.87 -19.31
N GLU A 98 -12.84 29.89 -20.41
CA GLU A 98 -14.26 29.61 -20.30
C GLU A 98 -14.52 28.19 -19.80
N PHE A 99 -14.18 27.18 -20.57
CA PHE A 99 -13.95 25.85 -20.02
C PHE A 99 -12.91 26.04 -18.91
N ASN A 100 -12.76 25.13 -17.96
CA ASN A 100 -11.59 25.24 -17.09
C ASN A 100 -10.78 23.95 -17.12
N PRO A 101 -9.84 23.78 -18.07
CA PRO A 101 -9.13 22.49 -18.13
C PRO A 101 -8.33 22.21 -16.88
N LEU A 102 -7.63 23.20 -16.33
CA LEU A 102 -6.87 22.95 -15.10
C LEU A 102 -7.78 22.42 -14.01
N SER A 103 -9.00 22.95 -13.93
CA SER A 103 -9.90 22.60 -12.84
C SER A 103 -10.49 21.21 -13.03
N CYS A 104 -10.79 20.82 -14.28
CA CYS A 104 -11.17 19.44 -14.58
C CYS A 104 -10.19 18.40 -14.00
N ALA A 105 -8.89 18.68 -13.98
CA ALA A 105 -7.94 17.71 -13.47
C ALA A 105 -7.79 17.76 -11.95
N TYR A 106 -7.69 18.97 -11.37
CA TYR A 106 -7.18 19.13 -10.00
C TYR A 106 -8.24 19.53 -8.97
N LYS A 107 -9.46 19.80 -9.38
CA LYS A 107 -10.49 20.26 -8.46
C LYS A 107 -11.80 19.49 -8.56
N GLU A 108 -12.23 19.11 -9.76
CA GLU A 108 -13.60 18.63 -9.90
C GLU A 108 -13.69 17.16 -9.50
N VAL A 109 -14.87 16.73 -9.13
CA VAL A 109 -15.08 15.33 -8.77
C VAL A 109 -15.67 14.64 -9.98
N HIS A 110 -15.23 13.41 -10.22
CA HIS A 110 -15.68 12.68 -11.40
C HIS A 110 -16.24 11.35 -10.99
N ASN A 111 -17.28 10.92 -11.70
CA ASN A 111 -17.90 9.61 -11.47
C ASN A 111 -16.82 8.55 -11.21
N THR A 112 -17.06 7.73 -10.19
CA THR A 112 -16.00 6.87 -9.67
C THR A 112 -15.61 5.76 -10.66
N GLU A 113 -16.60 5.14 -11.31
CA GLU A 113 -16.25 4.11 -12.27
C GLU A 113 -15.45 4.67 -13.45
N LEU A 114 -15.40 6.00 -13.60
CA LEU A 114 -14.60 6.62 -14.66
C LEU A 114 -13.13 6.70 -14.25
N GLN A 115 -12.85 7.17 -13.03
CA GLN A 115 -11.45 7.26 -12.58
C GLN A 115 -10.74 5.93 -12.72
N ASN A 116 -11.45 4.83 -12.51
CA ASN A 116 -10.85 3.52 -12.57
C ASN A 116 -10.46 3.10 -13.96
N VAL A 117 -10.93 3.79 -15.01
CA VAL A 117 -10.53 3.40 -16.35
C VAL A 117 -9.63 4.43 -16.98
N GLY A 118 -9.12 5.39 -16.19
CA GLY A 118 -8.05 6.27 -16.59
C GLY A 118 -6.78 6.00 -15.82
N ILE A 119 -5.73 5.56 -16.52
CA ILE A 119 -4.45 5.20 -15.94
C ILE A 119 -3.39 6.10 -16.56
N LEU A 120 -2.46 6.56 -15.73
CA LEU A 120 -1.43 7.50 -16.16
C LEU A 120 -0.09 6.98 -15.68
N THR A 121 0.86 6.78 -16.62
CA THR A 121 2.16 6.18 -16.29
C THR A 121 3.30 6.95 -16.91
N PHE A 122 4.45 6.91 -16.26
CA PHE A 122 5.63 7.61 -16.75
C PHE A 122 6.84 6.73 -16.56
N ASP A 123 7.70 6.70 -17.58
CA ASP A 123 8.87 5.82 -17.64
C ASP A 123 10.08 6.71 -17.92
N ALA A 124 10.78 7.07 -16.84
CA ALA A 124 11.89 8.02 -16.95
C ALA A 124 12.90 7.59 -18.01
N ASN A 125 13.00 6.29 -18.27
CA ASN A 125 13.98 5.77 -19.20
C ASN A 125 13.30 5.11 -20.39
N GLY A 126 12.25 5.76 -20.91
CA GLY A 126 11.52 5.24 -22.03
C GLY A 126 11.97 5.91 -23.31
N ASP A 127 11.49 5.37 -24.43
CA ASP A 127 11.88 5.93 -25.71
C ASP A 127 11.34 7.35 -25.86
N ALA A 128 11.92 8.12 -26.79
CA ALA A 128 11.56 9.53 -26.90
C ALA A 128 10.08 9.67 -27.14
N ASN A 129 9.44 10.52 -26.34
CA ASN A 129 8.03 10.87 -26.50
C ASN A 129 7.16 9.65 -26.36
N LYS A 130 7.67 8.64 -25.68
CA LYS A 130 6.83 7.56 -25.18
C LYS A 130 7.09 7.29 -23.71
N LYS A 131 7.61 8.29 -22.99
CA LYS A 131 7.79 8.24 -21.54
C LYS A 131 6.53 8.62 -20.76
N ALA A 132 5.77 9.61 -21.22
CA ALA A 132 4.48 9.92 -20.62
C ALA A 132 3.38 9.28 -21.45
N VAL A 133 2.58 8.41 -20.84
CA VAL A 133 1.50 7.70 -21.51
C VAL A 133 0.24 7.88 -20.69
N THR A 134 -0.91 8.06 -21.36
CA THR A 134 -2.18 7.89 -20.65
C THR A 134 -2.95 6.73 -21.26
N TRP A 135 -3.80 6.13 -20.45
CA TRP A 135 -4.46 4.90 -20.84
C TRP A 135 -5.94 5.00 -20.52
N ASN A 136 -6.78 4.69 -21.48
CA ASN A 136 -8.21 4.62 -21.24
C ASN A 136 -8.66 3.17 -21.37
N LEU A 137 -9.22 2.63 -20.29
CA LEU A 137 -9.65 1.24 -20.31
C LEU A 137 -11.10 1.17 -20.74
N TYR A 138 -11.35 1.75 -21.91
CA TYR A 138 -12.72 1.95 -22.36
C TYR A 138 -13.47 0.63 -22.54
N GLY A 139 -12.77 -0.45 -22.87
CA GLY A 139 -13.45 -1.73 -23.02
C GLY A 139 -14.18 -2.19 -21.77
N GLN A 140 -13.69 -1.79 -20.60
CA GLN A 140 -14.37 -2.05 -19.34
C GLN A 140 -15.74 -1.37 -19.23
N LEU A 141 -16.07 -0.39 -20.07
CA LEU A 141 -17.29 0.40 -19.92
C LEU A 141 -18.40 0.05 -20.92
N VAL A 142 -18.28 -1.05 -21.67
CA VAL A 142 -19.42 -1.55 -22.44
C VAL A 142 -20.50 -2.08 -21.51
N LYS A 143 -20.13 -2.44 -20.28
CA LYS A 143 -21.09 -2.72 -19.22
C LYS A 143 -22.05 -1.57 -18.99
N LYS A 144 -21.55 -0.33 -19.04
CA LYS A 144 -22.16 0.80 -18.36
C LYS A 144 -22.33 1.93 -19.36
N LYS A 145 -23.40 1.90 -20.15
CA LYS A 145 -23.66 2.94 -21.13
C LYS A 145 -24.58 4.03 -20.60
N GLU A 146 -24.50 4.34 -19.31
CA GLU A 146 -25.08 5.55 -18.74
C GLU A 146 -24.04 6.66 -18.55
N LEU A 147 -22.78 6.30 -18.37
CA LEU A 147 -21.69 7.27 -18.37
C LEU A 147 -21.67 8.11 -19.63
N PHE A 148 -22.29 7.63 -20.70
CA PHE A 148 -22.24 8.31 -21.98
C PHE A 148 -23.46 9.19 -22.24
N GLN A 149 -24.51 9.07 -21.42
CA GLN A 149 -25.66 9.95 -21.61
C GLN A 149 -25.37 11.37 -21.14
N ASN A 150 -24.65 11.52 -20.03
CA ASN A 150 -24.25 12.86 -19.62
C ASN A 150 -22.90 13.12 -20.27
N VAL A 151 -22.97 13.67 -21.48
CA VAL A 151 -21.78 13.87 -22.29
C VAL A 151 -20.85 14.86 -21.62
N ASP A 152 -21.38 16.00 -21.17
CA ASP A 152 -20.49 17.05 -20.67
C ASP A 152 -19.70 16.59 -19.46
N LYS A 153 -20.27 15.76 -18.59
CA LYS A 153 -19.45 15.39 -17.45
C LYS A 153 -18.36 14.40 -17.85
N PHE A 154 -18.62 13.53 -18.82
CA PHE A 154 -17.54 12.70 -19.36
C PHE A 154 -16.41 13.58 -19.89
N VAL A 155 -16.72 14.44 -20.87
CA VAL A 155 -15.70 15.29 -21.47
C VAL A 155 -14.91 16.02 -20.41
N ARG A 156 -15.55 16.37 -19.30
CA ARG A 156 -14.78 17.04 -18.26
C ARG A 156 -13.86 16.06 -17.56
N TYR A 157 -14.33 14.82 -17.35
CA TYR A 157 -13.45 13.79 -16.82
C TYR A 157 -12.19 13.64 -17.66
N ARG A 158 -12.37 13.40 -18.98
CA ARG A 158 -11.26 13.06 -19.89
C ARG A 158 -10.31 14.22 -20.09
N ILE A 159 -10.82 15.42 -20.34
CA ILE A 159 -9.89 16.55 -20.34
C ILE A 159 -9.08 16.57 -19.06
N GLY A 160 -9.65 16.09 -17.96
CA GLY A 160 -8.91 16.03 -16.72
C GLY A 160 -7.72 15.10 -16.84
N LEU A 161 -7.92 13.95 -17.49
CA LEU A 161 -6.80 13.05 -17.69
C LEU A 161 -5.81 13.66 -18.68
N MET A 162 -6.29 14.29 -19.75
CA MET A 162 -5.38 14.95 -20.67
C MET A 162 -4.46 15.91 -19.97
N GLU A 163 -5.00 16.78 -19.13
CA GLU A 163 -4.15 17.78 -18.48
C GLU A 163 -3.17 17.16 -17.50
N LYS A 164 -3.61 16.18 -16.70
CA LYS A 164 -2.69 15.48 -15.81
C LYS A 164 -1.54 14.83 -16.58
N GLY A 165 -1.81 14.33 -17.79
CA GLY A 165 -0.74 13.75 -18.58
C GLY A 165 0.35 14.76 -18.87
N LEU A 166 -0.04 15.96 -19.29
CA LEU A 166 0.93 16.99 -19.65
C LEU A 166 1.64 17.56 -18.45
N SER A 167 1.17 17.29 -17.22
CA SER A 167 2.04 17.72 -16.14
C SER A 167 3.32 16.89 -16.05
N LEU A 168 3.44 15.85 -16.87
CA LEU A 168 4.58 14.95 -16.87
C LEU A 168 5.55 15.24 -18.00
N LEU A 169 5.27 16.25 -18.80
CA LEU A 169 6.14 16.54 -19.92
C LEU A 169 7.16 17.60 -19.51
N ASP A 170 8.27 17.61 -20.24
CA ASP A 170 9.34 18.60 -20.14
C ASP A 170 9.41 19.29 -21.49
N PHE A 171 8.70 20.41 -21.62
CA PHE A 171 8.56 21.03 -22.92
C PHE A 171 9.87 21.52 -23.48
N THR A 172 10.88 21.74 -22.62
CA THR A 172 12.21 22.11 -23.10
C THR A 172 12.96 20.94 -23.71
N SER A 173 12.52 19.72 -23.49
CA SER A 173 13.30 18.59 -23.94
C SER A 173 12.94 18.22 -25.38
N SER A 174 13.77 17.37 -25.97
CA SER A 174 13.52 16.81 -27.29
C SER A 174 12.99 15.39 -27.23
N ASP A 175 13.13 14.72 -26.08
CA ASP A 175 12.65 13.37 -25.86
C ASP A 175 11.42 13.27 -24.94
N ASN A 176 10.89 14.40 -24.46
CA ASN A 176 9.72 14.34 -23.58
C ASN A 176 8.80 15.55 -23.75
N ASN A 177 8.67 16.09 -24.96
CA ASN A 177 7.74 17.17 -25.21
C ASN A 177 6.52 16.73 -26.01
N TYR A 178 6.20 15.43 -25.99
CA TYR A 178 4.95 14.94 -26.55
C TYR A 178 4.51 13.78 -25.69
N MET A 179 3.29 13.32 -25.91
CA MET A 179 2.63 12.32 -25.09
C MET A 179 2.31 11.09 -25.95
N THR A 180 2.07 9.96 -25.30
CA THR A 180 1.56 8.79 -25.99
C THR A 180 0.31 8.34 -25.26
N GLN A 181 -0.59 7.68 -25.99
CA GLN A 181 -1.89 7.35 -25.45
C GLN A 181 -2.26 5.95 -25.88
N VAL A 182 -2.85 5.16 -24.98
CA VAL A 182 -3.38 3.86 -25.35
C VAL A 182 -4.85 3.81 -25.00
N HIS A 183 -5.64 3.26 -25.92
CA HIS A 183 -6.98 2.78 -25.62
C HIS A 183 -6.95 1.26 -25.58
N ASP A 184 -7.53 0.72 -24.53
CA ASP A 184 -7.78 -0.69 -24.45
C ASP A 184 -9.26 -0.84 -24.65
N TYR A 185 -9.61 -1.50 -25.75
CA TYR A 185 -10.99 -1.83 -26.02
C TYR A 185 -11.28 -3.30 -25.77
N LYS A 186 -10.50 -3.96 -24.92
CA LYS A 186 -10.76 -5.38 -24.69
C LYS A 186 -12.16 -5.56 -24.14
N GLY A 187 -13.06 -6.05 -24.97
CA GLY A 187 -14.37 -6.38 -24.48
C GLY A 187 -15.46 -5.76 -25.30
N VAL A 188 -15.14 -4.83 -26.20
CA VAL A 188 -16.18 -4.20 -26.97
C VAL A 188 -16.96 -5.24 -27.75
N SER A 189 -18.27 -5.04 -27.82
CA SER A 189 -19.12 -5.85 -28.67
C SER A 189 -19.47 -5.02 -29.89
N VAL A 190 -19.50 -5.65 -31.06
CA VAL A 190 -19.77 -4.93 -32.28
C VAL A 190 -21.24 -4.53 -32.40
N TRP A 191 -22.09 -5.04 -31.52
CA TRP A 191 -23.49 -4.61 -31.52
C TRP A 191 -23.74 -3.37 -30.68
N ARG A 192 -22.92 -3.13 -29.66
CA ARG A 192 -23.19 -2.08 -28.70
C ARG A 192 -22.41 -0.82 -29.04
N MET A 193 -22.68 -0.25 -30.19
CA MET A 193 -21.88 0.86 -30.69
C MET A 193 -22.75 2.06 -30.96
N ASP A 194 -23.65 2.35 -30.02
CA ASP A 194 -24.72 3.31 -30.17
C ASP A 194 -24.22 4.75 -30.19
N SER A 195 -25.07 5.65 -30.69
CA SER A 195 -24.73 7.06 -30.86
C SER A 195 -24.42 7.79 -29.55
N ASP A 196 -24.59 7.17 -28.38
CA ASP A 196 -24.05 7.80 -27.18
C ASP A 196 -22.55 7.84 -27.23
N ILE A 197 -21.94 6.68 -27.53
CA ILE A 197 -20.48 6.58 -27.64
C ILE A 197 -19.98 7.47 -28.76
N LYS A 198 -20.68 7.45 -29.91
CA LYS A 198 -20.25 8.28 -31.02
C LYS A 198 -20.13 9.72 -30.58
N ASN A 199 -21.03 10.16 -29.69
CA ASN A 199 -21.16 11.55 -29.32
C ASN A 199 -20.06 11.99 -28.37
N CYS A 200 -19.70 11.15 -27.39
CA CYS A 200 -18.55 11.49 -26.55
C CYS A 200 -17.25 11.51 -27.35
N SER A 201 -16.97 10.45 -28.11
CA SER A 201 -15.82 10.41 -29.01
C SER A 201 -15.64 11.68 -29.81
N LYS A 202 -16.66 12.02 -30.61
CA LYS A 202 -16.53 13.16 -31.49
C LYS A 202 -16.31 14.44 -30.72
N THR A 203 -16.92 14.56 -29.54
CA THR A 203 -16.78 15.77 -28.74
C THR A 203 -15.37 15.93 -28.22
N VAL A 204 -14.89 14.94 -27.47
CA VAL A 204 -13.50 14.97 -27.00
C VAL A 204 -12.56 15.16 -28.20
N ILE A 205 -12.76 14.38 -29.28
CA ILE A 205 -11.86 14.49 -30.44
C ILE A 205 -11.74 15.94 -30.90
N GLY A 206 -12.90 16.64 -31.02
CA GLY A 206 -12.88 18.03 -31.44
C GLY A 206 -12.02 18.89 -30.53
N ILE A 207 -12.00 18.58 -29.26
CA ILE A 207 -11.26 19.42 -28.35
C ILE A 207 -9.77 19.18 -28.51
N PHE A 208 -9.35 17.92 -28.47
CA PHE A 208 -7.96 17.54 -28.77
C PHE A 208 -7.49 18.16 -30.08
N GLN A 209 -8.28 18.02 -31.15
CA GLN A 209 -7.91 18.61 -32.43
C GLN A 209 -7.81 20.14 -32.36
N LYS A 210 -8.83 20.81 -31.79
CA LYS A 210 -8.87 22.27 -31.87
C LYS A 210 -7.99 22.95 -30.82
N TYR A 211 -7.78 22.30 -29.67
CA TYR A 211 -7.11 22.95 -28.54
C TYR A 211 -5.90 22.19 -28.01
N TYR A 212 -5.64 21.02 -28.47
CA TYR A 212 -4.41 20.47 -27.97
C TYR A 212 -3.47 20.05 -29.11
N PRO A 213 -3.20 20.86 -30.13
CA PRO A 213 -2.43 20.36 -31.24
C PRO A 213 -0.97 20.17 -30.84
N GLU A 214 -0.26 19.36 -31.62
CA GLU A 214 1.18 19.19 -31.46
C GLU A 214 1.56 18.69 -30.07
N LEU A 215 0.72 17.83 -29.48
CA LEU A 215 1.03 17.17 -28.22
C LEU A 215 1.00 15.65 -28.27
N LEU A 216 0.49 15.05 -29.33
CA LEU A 216 0.47 13.58 -29.43
C LEU A 216 1.65 13.13 -30.27
N TYR A 217 2.36 12.10 -29.80
CA TYR A 217 3.37 11.45 -30.64
C TYR A 217 2.82 10.19 -31.28
N ALA A 218 2.33 9.24 -30.48
CA ALA A 218 1.73 8.01 -30.96
C ALA A 218 0.53 7.66 -30.11
N LYS A 219 -0.49 7.08 -30.75
CA LYS A 219 -1.67 6.58 -30.06
C LYS A 219 -1.94 5.13 -30.52
N TYR A 220 -2.10 4.22 -29.55
CA TYR A 220 -2.28 2.80 -29.83
C TYR A 220 -3.68 2.40 -29.39
N PHE A 221 -4.33 1.60 -30.23
CA PHE A 221 -5.70 1.15 -30.00
C PHE A 221 -5.61 -0.37 -29.96
N VAL A 222 -5.61 -0.95 -28.76
CA VAL A 222 -5.26 -2.37 -28.64
C VAL A 222 -6.48 -3.20 -28.25
N ASN A 223 -6.42 -4.48 -28.60
CA ASN A 223 -7.45 -5.46 -28.31
C ASN A 223 -8.75 -5.15 -29.03
N VAL A 224 -8.61 -4.87 -30.32
CA VAL A 224 -9.65 -4.44 -31.26
C VAL A 224 -9.83 -5.54 -32.31
N PRO A 225 -10.89 -6.32 -32.26
CA PRO A 225 -11.20 -7.24 -33.38
C PRO A 225 -11.23 -6.56 -34.76
N THR A 226 -11.05 -7.32 -35.86
CA THR A 226 -11.07 -6.76 -37.21
C THR A 226 -12.48 -6.52 -37.74
N VAL A 227 -13.50 -7.03 -37.04
CA VAL A 227 -14.88 -6.74 -37.40
C VAL A 227 -15.25 -5.31 -37.06
N PHE A 228 -14.29 -4.54 -36.54
CA PHE A 228 -14.44 -3.17 -36.12
C PHE A 228 -13.89 -2.18 -37.13
N GLY A 229 -13.53 -2.66 -38.32
CA GLY A 229 -12.92 -1.77 -39.30
C GLY A 229 -13.79 -0.58 -39.64
N TRP A 230 -15.10 -0.80 -39.72
CA TRP A 230 -16.02 0.29 -40.06
C TRP A 230 -16.07 1.34 -38.97
N VAL A 231 -15.91 0.96 -37.70
CA VAL A 231 -15.81 1.96 -36.66
C VAL A 231 -14.57 2.82 -36.90
N TYR A 232 -13.41 2.17 -37.02
CA TYR A 232 -12.17 2.91 -37.20
C TYR A 232 -12.22 3.82 -38.42
N ASP A 233 -12.84 3.35 -39.50
CA ASP A 233 -12.91 4.21 -40.66
C ASP A 233 -13.79 5.42 -40.40
N LEU A 234 -14.93 5.23 -39.72
CA LEU A 234 -15.83 6.35 -39.52
C LEU A 234 -15.25 7.38 -38.56
N ILE A 235 -14.64 6.93 -37.46
CA ILE A 235 -14.10 7.88 -36.48
C ILE A 235 -12.99 8.72 -37.11
N LYS A 236 -12.04 8.07 -37.80
CA LYS A 236 -10.89 8.75 -38.40
C LYS A 236 -11.28 9.97 -39.23
N LYS A 237 -12.50 9.99 -39.77
CA LYS A 237 -12.90 11.17 -40.53
C LYS A 237 -13.08 12.43 -39.68
N PHE A 238 -12.89 12.35 -38.37
CA PHE A 238 -12.91 13.50 -37.50
C PHE A 238 -11.52 13.96 -37.04
N VAL A 239 -10.43 13.36 -37.52
CA VAL A 239 -9.09 13.83 -37.17
C VAL A 239 -8.31 14.17 -38.42
N ASP A 240 -7.31 15.04 -38.25
CA ASP A 240 -6.47 15.42 -39.37
C ASP A 240 -5.37 14.39 -39.67
N GLU A 241 -4.96 14.38 -40.95
CA GLU A 241 -3.86 13.57 -41.45
C GLU A 241 -2.68 13.58 -40.49
N THR A 242 -2.35 14.74 -39.93
CA THR A 242 -1.19 14.78 -39.05
C THR A 242 -1.41 13.85 -37.86
N THR A 243 -2.55 13.92 -37.19
CA THR A 243 -2.58 12.98 -36.08
C THR A 243 -2.98 11.58 -36.55
N ARG A 244 -3.72 11.45 -37.65
CA ARG A 244 -4.03 10.12 -38.16
C ARG A 244 -2.78 9.30 -38.46
N LYS A 245 -1.72 9.93 -38.98
CA LYS A 245 -0.50 9.16 -39.19
C LYS A 245 0.14 8.63 -37.90
N LYS A 246 -0.33 9.06 -36.73
CA LYS A 246 0.24 8.60 -35.48
C LYS A 246 -0.58 7.48 -34.87
N PHE A 247 -1.63 7.02 -35.56
CA PHE A 247 -2.51 5.97 -35.09
C PHE A 247 -2.03 4.56 -35.47
N VAL A 248 -2.08 3.64 -34.50
CA VAL A 248 -1.75 2.23 -34.68
C VAL A 248 -2.80 1.35 -34.00
N VAL A 249 -3.33 0.36 -34.71
CA VAL A 249 -4.41 -0.50 -34.24
C VAL A 249 -3.86 -1.91 -34.05
N LEU A 250 -4.07 -2.49 -32.87
CA LEU A 250 -3.48 -3.77 -32.51
C LEU A 250 -4.61 -4.71 -32.13
N THR A 251 -4.86 -5.73 -32.94
CA THR A 251 -5.86 -6.71 -32.53
C THR A 251 -5.44 -7.50 -31.28
N ASP A 252 -4.13 -7.75 -31.09
CA ASP A 252 -3.59 -8.52 -29.97
C ASP A 252 -2.87 -7.60 -28.98
N GLY A 253 -3.48 -7.31 -27.84
CA GLY A 253 -2.90 -6.36 -26.89
C GLY A 253 -1.53 -6.75 -26.34
N SER A 254 -1.18 -8.03 -26.38
CA SER A 254 0.11 -8.44 -25.84
C SER A 254 1.26 -8.04 -26.75
N LYS A 255 0.99 -7.55 -27.95
CA LYS A 255 2.06 -7.01 -28.78
C LYS A 255 2.46 -5.61 -28.38
N LEU A 256 1.80 -5.02 -27.38
CA LEU A 256 1.99 -3.60 -27.13
C LEU A 256 3.42 -3.32 -26.72
N GLY A 257 4.09 -4.27 -26.07
CA GLY A 257 5.46 -4.04 -25.64
C GLY A 257 6.44 -3.87 -26.80
N GLN A 258 6.09 -4.39 -27.97
CA GLN A 258 6.86 -4.11 -29.17
C GLN A 258 6.93 -2.63 -29.48
N TYR A 259 6.00 -1.83 -28.94
CA TYR A 259 6.03 -0.39 -29.15
C TYR A 259 6.28 0.42 -27.89
N LEU A 260 5.75 0.03 -26.73
CA LEU A 260 6.08 0.68 -25.45
C LEU A 260 7.00 -0.24 -24.68
N LYS A 261 8.29 0.11 -24.61
CA LYS A 261 9.25 -0.87 -24.11
C LYS A 261 8.93 -1.28 -22.67
N ASP A 262 8.56 -0.33 -21.81
CA ASP A 262 8.42 -0.63 -20.39
C ASP A 262 6.98 -0.68 -19.86
N CYS A 263 6.03 -0.98 -20.73
CA CYS A 263 4.67 -1.21 -20.28
C CYS A 263 4.58 -2.56 -19.57
N PRO A 264 3.51 -2.84 -18.85
CA PRO A 264 3.51 -4.06 -18.03
C PRO A 264 3.60 -5.32 -18.90
N TYR A 265 4.36 -6.32 -18.41
CA TYR A 265 4.34 -7.62 -19.08
C TYR A 265 2.92 -8.15 -19.18
N GLU A 266 2.20 -8.16 -18.07
CA GLU A 266 0.83 -8.65 -18.12
C GLU A 266 0.01 -7.77 -19.06
N GLY A 267 -0.77 -8.40 -19.92
CA GLY A 267 -1.57 -7.70 -20.89
C GLY A 267 -0.77 -7.07 -22.03
N TYR A 268 0.22 -6.31 -21.69
CA TYR A 268 0.77 -5.54 -22.73
C TYR A 268 2.11 -6.04 -23.23
N GLY A 269 2.45 -7.28 -22.93
CA GLY A 269 3.69 -7.84 -23.43
C GLY A 269 4.95 -7.08 -23.09
N GLY A 270 4.89 -6.06 -22.24
CA GLY A 270 6.05 -5.22 -22.01
C GLY A 270 7.20 -5.87 -21.26
N LYS A 271 8.13 -5.08 -20.73
CA LYS A 271 9.31 -5.61 -20.07
C LYS A 271 9.23 -5.59 -18.54
N ASP A 272 8.42 -4.71 -17.96
CA ASP A 272 8.17 -4.64 -16.52
C ASP A 272 7.30 -5.82 -16.04
N LYS A 273 7.95 -6.91 -15.59
CA LYS A 273 7.22 -8.04 -15.02
C LYS A 273 6.98 -7.90 -13.53
N LYS A 274 7.46 -6.83 -12.90
CA LYS A 274 7.17 -6.63 -11.48
C LYS A 274 5.73 -6.24 -11.28
N ASN A 275 5.32 -5.11 -11.82
CA ASN A 275 3.99 -4.59 -11.57
C ASN A 275 3.20 -4.44 -12.87
N ASN A 276 1.90 -4.72 -12.77
CA ASN A 276 0.95 -4.58 -13.87
C ASN A 276 0.56 -3.11 -14.02
N LEU A 277 -0.38 -2.83 -14.93
CA LEU A 277 -0.78 -1.46 -15.22
C LEU A 277 -1.31 -0.74 -13.98
N THR A 278 -2.13 -1.43 -13.16
CA THR A 278 -2.67 -0.80 -11.95
C THR A 278 -1.55 -0.38 -11.02
N LYS A 279 -0.59 -1.25 -10.80
CA LYS A 279 0.50 -0.90 -9.92
C LYS A 279 1.45 0.10 -10.55
N GLN A 280 1.36 0.34 -11.85
CA GLN A 280 2.25 1.30 -12.49
C GLN A 280 1.71 2.72 -12.45
N ASN A 281 0.46 2.91 -12.05
CA ASN A 281 -0.19 4.21 -12.10
C ASN A 281 0.59 5.28 -11.37
N VAL A 282 0.33 6.53 -11.69
CA VAL A 282 0.80 7.68 -10.93
C VAL A 282 -0.42 8.30 -10.26
N THR A 283 -0.30 8.62 -8.94
CA THR A 283 -1.44 9.16 -8.18
C THR A 283 -1.16 10.54 -7.57
N ASN A 284 0.04 10.76 -7.04
CA ASN A 284 0.60 12.10 -6.90
C ASN A 284 0.59 12.79 -8.27
N VAL A 285 -0.28 13.79 -8.45
CA VAL A 285 -0.41 14.45 -9.74
C VAL A 285 0.00 15.91 -9.70
N HIS A 286 -0.50 16.69 -8.70
CA HIS A 286 0.34 17.84 -8.32
C HIS A 286 0.55 18.88 -9.45
N PRO A 287 -0.42 19.79 -9.65
CA PRO A 287 -0.32 20.79 -10.73
C PRO A 287 1.00 21.53 -10.81
N THR A 288 1.30 21.99 -12.02
CA THR A 288 2.50 22.77 -12.24
C THR A 288 2.50 24.00 -11.34
N GLU A 289 3.65 24.66 -11.26
CA GLU A 289 3.78 25.80 -10.37
C GLU A 289 2.82 26.91 -10.76
N TYR A 290 2.87 27.34 -12.01
CA TYR A 290 1.94 28.36 -12.45
C TYR A 290 0.51 27.84 -12.44
N GLY A 291 0.33 26.56 -12.75
CA GLY A 291 -0.99 25.98 -12.71
C GLY A 291 -1.66 26.18 -11.37
N LEU A 292 -0.90 26.04 -10.30
CA LEU A 292 -1.46 26.13 -8.96
C LEU A 292 -1.88 27.57 -8.65
N TYR A 293 -0.97 28.50 -8.91
CA TYR A 293 -1.26 29.93 -8.85
C TYR A 293 -2.59 30.27 -9.52
N ILE A 294 -2.74 29.91 -10.80
CA ILE A 294 -3.96 30.25 -11.53
C ILE A 294 -5.18 29.69 -10.83
N LEU A 295 -5.04 28.47 -10.29
CA LEU A 295 -6.20 27.78 -9.73
C LEU A 295 -6.60 28.40 -8.38
N GLN A 296 -5.63 28.70 -7.51
CA GLN A 296 -5.99 29.24 -6.20
C GLN A 296 -6.39 30.72 -6.30
N LYS A 297 -5.69 31.51 -7.12
CA LYS A 297 -6.16 32.86 -7.40
C LYS A 297 -7.56 32.89 -8.01
N GLN A 298 -7.98 31.80 -8.65
CA GLN A 298 -9.34 31.75 -9.19
C GLN A 298 -10.36 31.64 -8.08
N ILE A 299 -10.00 31.02 -6.95
CA ILE A 299 -10.98 30.69 -5.91
C ILE A 299 -10.97 31.73 -4.78
N ILE A 300 -10.46 32.94 -5.02
CA ILE A 300 -10.72 34.07 -4.15
C ILE A 300 -11.73 35.03 -4.78
N GLU A 301 -11.71 35.17 -6.12
CA GLU A 301 -12.73 35.89 -6.87
C GLU A 301 -13.77 34.87 -7.34
N ASP A 302 -14.68 34.54 -6.43
CA ASP A 302 -15.60 33.43 -6.68
C ASP A 302 -16.75 33.86 -7.57
N GLN B 20 -34.79 15.96 25.76
CA GLN B 20 -35.63 17.15 25.69
C GLN B 20 -34.80 18.43 25.83
N VAL B 21 -33.62 18.36 26.45
CA VAL B 21 -32.69 19.47 26.32
C VAL B 21 -31.53 19.01 25.44
N PHE B 22 -31.69 19.27 24.14
CA PHE B 22 -30.68 19.21 23.08
C PHE B 22 -30.56 20.58 22.47
N ASP B 23 -30.63 21.58 23.34
CA ASP B 23 -30.70 22.96 22.95
C ASP B 23 -29.60 23.76 23.62
N LYS B 24 -28.99 23.17 24.65
CA LYS B 24 -27.62 23.44 25.09
C LYS B 24 -26.67 23.74 23.94
N LEU B 25 -26.57 22.80 22.98
CA LEU B 25 -25.66 22.94 21.84
C LEU B 25 -26.27 23.72 20.68
N LYS B 26 -27.58 23.55 20.45
CA LYS B 26 -28.22 23.99 19.22
C LYS B 26 -28.32 25.49 19.07
N LYS B 27 -27.74 26.28 19.97
CA LYS B 27 -27.33 27.64 19.62
C LYS B 27 -25.96 28.01 20.20
N ALA B 28 -25.29 27.10 20.93
CA ALA B 28 -23.82 27.14 21.00
C ALA B 28 -23.19 26.47 19.79
N ILE B 29 -23.98 25.93 18.88
CA ILE B 29 -23.55 25.46 17.58
C ILE B 29 -22.46 26.37 17.02
N PRO B 30 -22.77 27.65 16.66
CA PRO B 30 -21.91 28.37 15.74
C PRO B 30 -20.63 28.82 16.41
N GLY B 31 -20.77 29.43 17.59
CA GLY B 31 -19.63 29.90 18.35
C GLY B 31 -18.64 28.81 18.66
N ILE B 32 -19.11 27.56 18.78
CA ILE B 32 -18.22 26.42 18.93
C ILE B 32 -17.47 26.16 17.63
N ILE B 33 -18.22 25.97 16.53
CA ILE B 33 -17.64 25.95 15.19
C ILE B 33 -16.90 27.25 14.89
N LYS B 34 -17.39 28.38 15.43
CA LYS B 34 -16.72 29.67 15.25
C LYS B 34 -15.30 29.62 15.77
N GLU B 35 -15.13 29.18 17.03
CA GLU B 35 -13.98 29.66 17.80
C GLU B 35 -12.72 28.81 17.65
N LYS B 36 -12.81 27.46 17.73
CA LYS B 36 -11.68 26.69 17.23
C LYS B 36 -12.06 25.38 16.52
N CYS B 37 -13.34 25.14 16.17
CA CYS B 37 -13.54 24.17 15.10
C CYS B 37 -12.88 24.63 13.80
N ALA B 38 -12.60 25.94 13.69
CA ALA B 38 -12.19 26.61 12.46
C ALA B 38 -13.34 26.75 11.48
N GLY B 39 -14.57 26.83 11.98
CA GLY B 39 -15.73 27.16 11.16
C GLY B 39 -16.27 26.00 10.37
N TYR B 40 -15.66 24.83 10.46
CA TYR B 40 -15.95 23.69 9.60
C TYR B 40 -17.25 23.02 10.05
N ASP B 41 -18.26 22.99 9.19
CA ASP B 41 -19.61 22.58 9.56
C ASP B 41 -20.14 21.47 8.67
N GLU B 42 -19.21 20.58 8.35
CA GLU B 42 -19.42 19.40 7.53
C GLU B 42 -19.80 18.26 8.44
N LEU B 43 -20.93 17.64 8.15
CA LEU B 43 -21.35 16.42 8.83
C LEU B 43 -21.83 15.41 7.79
N TYR B 44 -21.63 14.13 8.05
CA TYR B 44 -21.60 13.16 6.99
C TYR B 44 -22.16 13.67 5.70
N TYR B 46 -23.24 17.25 4.86
CA TYR B 46 -24.33 17.97 5.47
C TYR B 46 -23.88 19.16 6.26
N LYS B 47 -24.66 20.23 6.19
CA LYS B 47 -24.21 21.52 6.73
C LYS B 47 -24.96 21.93 8.00
N LEU B 48 -24.22 22.35 9.02
CA LEU B 48 -24.77 22.50 10.37
C LEU B 48 -24.54 23.86 11.05
N ASN B 49 -23.52 24.63 10.67
CA ASN B 49 -23.34 26.01 11.17
C ASN B 49 -24.56 26.86 10.83
N PRO B 50 -25.29 27.38 11.81
CA PRO B 50 -26.58 28.04 11.48
C PRO B 50 -26.41 29.34 10.74
N GLU B 51 -25.47 30.16 11.18
CA GLU B 51 -25.35 31.53 10.77
C GLU B 51 -24.86 31.60 9.34
N GLN B 55 -20.63 34.20 2.58
CA GLN B 55 -20.89 33.20 3.58
C GLN B 55 -22.29 32.67 3.41
N GLU B 56 -22.72 32.51 2.17
CA GLU B 56 -24.13 32.31 1.90
C GLU B 56 -24.42 31.06 1.12
N GLU B 57 -23.60 30.08 1.42
CA GLU B 57 -24.01 28.71 1.30
C GLU B 57 -25.22 28.55 2.19
N VAL B 58 -25.33 29.30 3.26
CA VAL B 58 -26.24 28.85 4.32
C VAL B 58 -27.70 28.68 3.84
N ASP B 59 -28.22 29.63 3.06
CA ASP B 59 -29.54 29.48 2.42
C ASP B 59 -29.67 28.35 1.38
N LYS B 60 -28.66 28.20 0.53
CA LYS B 60 -28.60 27.05 -0.36
C LYS B 60 -28.45 25.73 0.40
N TYR B 61 -27.49 25.69 1.32
CA TYR B 61 -26.88 24.43 1.73
C TYR B 61 -27.29 23.90 3.10
N TYR B 62 -28.07 24.67 3.85
CA TYR B 62 -28.31 24.38 5.26
C TYR B 62 -29.79 24.25 5.56
N ASP B 63 -30.17 23.22 6.31
CA ASP B 63 -31.59 23.03 6.60
C ASP B 63 -31.64 22.52 8.03
N GLU B 64 -31.96 23.41 8.98
CA GLU B 64 -31.95 22.93 10.34
C GLU B 64 -33.16 22.02 10.55
N LYS B 65 -33.27 20.99 9.71
CA LYS B 65 -34.18 19.87 9.93
C LYS B 65 -33.40 18.57 10.07
N ILE B 66 -32.69 18.17 9.01
CA ILE B 66 -31.79 17.01 9.09
C ILE B 66 -30.60 17.36 9.96
N ALA B 67 -30.03 18.57 9.74
CA ALA B 67 -28.89 19.05 10.52
C ALA B 67 -29.15 18.92 12.01
N ASP B 68 -30.42 18.89 12.41
CA ASP B 68 -30.82 18.58 13.77
C ASP B 68 -31.06 17.09 13.95
N ARG B 69 -31.56 16.42 12.93
CA ARG B 69 -31.92 15.02 13.07
C ARG B 69 -30.70 14.19 13.49
N LEU B 70 -29.54 14.53 12.93
CA LEU B 70 -28.29 13.86 13.31
C LEU B 70 -27.91 14.09 14.77
N THR B 71 -28.10 15.32 15.25
CA THR B 71 -28.04 15.60 16.68
C THR B 71 -28.79 14.54 17.45
N TYR B 72 -29.97 14.20 16.93
CA TYR B 72 -30.75 13.09 17.46
C TYR B 72 -29.90 11.87 17.27
N LYS B 73 -29.20 11.85 16.14
CA LYS B 73 -28.19 10.85 15.87
C LYS B 73 -27.06 10.90 16.88
N LEU B 74 -26.60 12.11 17.24
CA LEU B 74 -25.29 12.16 17.86
C LEU B 74 -25.35 12.14 19.39
N CYS B 75 -26.51 12.35 20.01
CA CYS B 75 -26.59 12.33 21.46
C CYS B 75 -27.59 11.31 22.00
N LYS B 76 -28.44 10.74 21.14
CA LYS B 76 -28.93 9.40 21.46
C LYS B 76 -27.76 8.51 21.81
N ALA B 77 -26.65 8.68 21.08
CA ALA B 77 -25.39 7.99 21.35
C ALA B 77 -24.84 8.33 22.72
N TYR B 78 -24.42 9.57 22.90
CA TYR B 78 -23.56 9.89 24.04
C TYR B 78 -24.36 10.12 25.34
N GLN B 79 -25.57 9.54 25.41
CA GLN B 79 -26.38 9.52 26.64
C GLN B 79 -26.71 10.94 27.09
N PHE B 80 -27.18 11.74 26.12
CA PHE B 80 -27.74 13.08 26.30
C PHE B 80 -26.87 13.97 27.20
N GLU B 81 -25.59 13.70 27.28
CA GLU B 81 -24.67 14.30 28.26
C GLU B 81 -23.95 15.50 27.65
N TYR B 82 -24.16 16.70 28.21
CA TYR B 82 -23.63 17.90 27.54
C TYR B 82 -22.14 17.82 27.26
N SER B 83 -21.29 17.93 28.29
CA SER B 83 -19.88 18.23 28.01
C SER B 83 -19.09 17.00 27.55
N THR B 84 -19.77 15.90 27.26
CA THR B 84 -19.16 14.90 26.39
C THR B 84 -19.46 15.24 24.92
N ILE B 85 -20.65 15.78 24.66
CA ILE B 85 -21.04 16.12 23.28
C ILE B 85 -20.30 17.34 22.77
N VAL B 86 -19.77 18.19 23.65
CA VAL B 86 -18.95 19.28 23.15
C VAL B 86 -17.57 18.76 22.81
N GLN B 87 -17.01 17.85 23.60
CA GLN B 87 -15.67 17.41 23.28
C GLN B 87 -15.66 16.44 22.11
N ASN B 88 -16.70 15.64 21.95
CA ASN B 88 -16.74 14.70 20.82
C ASN B 88 -16.94 15.43 19.51
N LEU B 89 -17.97 16.29 19.45
CA LEU B 89 -18.35 16.91 18.19
C LEU B 89 -17.33 17.93 17.73
N ILE B 90 -16.74 18.70 18.65
CA ILE B 90 -15.67 19.59 18.19
C ILE B 90 -14.45 18.81 17.73
N ASP B 91 -14.38 17.53 18.08
CA ASP B 91 -13.32 16.63 17.61
C ASP B 91 -13.68 15.98 16.28
N ILE B 92 -14.96 15.64 16.07
CA ILE B 92 -15.41 15.09 14.80
C ILE B 92 -15.08 16.04 13.66
N LEU B 93 -15.46 17.32 13.79
CA LEU B 93 -15.28 18.25 12.69
C LEU B 93 -13.80 18.60 12.50
N ASN B 94 -13.02 18.65 13.58
CA ASN B 94 -11.60 18.87 13.40
C ASN B 94 -10.92 17.64 12.81
N TRP B 95 -11.44 16.44 13.07
CA TRP B 95 -11.04 15.27 12.30
C TRP B 95 -11.50 15.36 10.88
N ARG B 96 -12.76 15.67 10.66
CA ARG B 96 -13.24 15.53 9.32
C ARG B 96 -12.39 16.46 8.52
N ARG B 97 -12.07 17.61 9.08
CA ARG B 97 -11.29 18.58 8.36
C ARG B 97 -9.88 18.16 8.03
N GLU B 98 -9.07 17.88 9.02
CA GLU B 98 -7.71 17.54 8.70
C GLU B 98 -7.66 16.25 7.91
N PHE B 99 -8.47 15.28 8.32
CA PHE B 99 -8.61 14.04 7.60
C PHE B 99 -9.31 14.06 6.24
N ASN B 100 -10.39 14.80 6.09
CA ASN B 100 -11.11 14.81 4.82
C ASN B 100 -11.80 13.55 4.27
N PRO B 101 -12.44 12.84 5.16
CA PRO B 101 -13.28 11.68 4.88
C PRO B 101 -13.96 11.69 3.52
N LEU B 102 -14.16 12.86 2.91
CA LEU B 102 -14.94 12.90 1.68
C LEU B 102 -14.09 12.84 0.43
N SER B 103 -12.88 13.39 0.49
CA SER B 103 -11.90 13.10 -0.54
C SER B 103 -11.62 11.60 -0.60
N CYS B 104 -11.38 10.99 0.56
CA CYS B 104 -11.31 9.53 0.65
C CYS B 104 -12.42 8.87 -0.14
N ALA B 105 -13.61 9.47 -0.14
CA ALA B 105 -14.71 8.78 -0.80
C ALA B 105 -14.77 9.10 -2.29
N TYR B 106 -14.57 10.36 -2.68
CA TYR B 106 -15.00 10.76 -4.01
C TYR B 106 -13.90 11.25 -4.93
N LYS B 107 -12.77 11.72 -4.41
CA LYS B 107 -11.69 12.25 -5.22
C LYS B 107 -10.53 11.26 -5.41
N GLU B 108 -9.99 10.70 -4.33
CA GLU B 108 -8.85 9.81 -4.42
C GLU B 108 -9.23 8.46 -5.05
N VAL B 109 -8.31 7.92 -5.89
CA VAL B 109 -8.40 6.56 -6.42
C VAL B 109 -7.48 5.70 -5.57
N HIS B 110 -7.95 4.52 -5.18
CA HIS B 110 -7.16 3.88 -4.14
C HIS B 110 -6.19 2.79 -4.62
N ASN B 111 -6.72 1.63 -5.00
CA ASN B 111 -5.89 0.51 -5.44
C ASN B 111 -6.82 -0.55 -6.00
N THR B 112 -6.69 -0.93 -7.28
CA THR B 112 -7.88 -1.59 -7.79
C THR B 112 -8.09 -2.95 -7.13
N GLU B 113 -7.07 -3.48 -6.46
CA GLU B 113 -7.25 -4.73 -5.75
C GLU B 113 -7.74 -4.52 -4.33
N LEU B 114 -7.73 -3.29 -3.82
CA LEU B 114 -8.54 -2.95 -2.64
C LEU B 114 -9.99 -2.68 -3.02
N GLN B 115 -10.22 -1.92 -4.09
CA GLN B 115 -11.57 -1.60 -4.54
C GLN B 115 -12.36 -2.84 -4.93
N ASN B 116 -11.69 -3.88 -5.43
CA ASN B 116 -12.36 -5.13 -5.76
C ASN B 116 -12.88 -5.84 -4.53
N VAL B 117 -12.45 -5.41 -3.35
CA VAL B 117 -12.76 -6.04 -2.09
C VAL B 117 -13.77 -5.24 -1.28
N GLY B 118 -14.34 -4.17 -1.85
CA GLY B 118 -15.35 -3.36 -1.18
C GLY B 118 -16.61 -3.14 -1.98
N ILE B 119 -17.73 -3.73 -1.54
CA ILE B 119 -18.96 -3.77 -2.31
C ILE B 119 -20.03 -2.96 -1.57
N LEU B 120 -21.07 -2.56 -2.30
CA LEU B 120 -22.15 -1.69 -1.79
C LEU B 120 -23.49 -2.19 -2.28
N THR B 121 -24.34 -2.63 -1.37
CA THR B 121 -25.66 -3.10 -1.77
C THR B 121 -26.70 -2.19 -1.13
N PHE B 122 -27.76 -1.91 -1.88
CA PHE B 122 -28.91 -1.18 -1.37
C PHE B 122 -30.20 -1.93 -1.74
N ASP B 123 -30.90 -2.40 -0.72
CA ASP B 123 -32.26 -2.88 -0.88
C ASP B 123 -33.22 -1.72 -0.72
N ALA B 124 -34.33 -1.76 -1.46
CA ALA B 124 -35.37 -0.76 -1.29
C ALA B 124 -36.45 -1.20 -0.33
N ASN B 125 -36.49 -2.50 0.01
CA ASN B 125 -37.56 -3.15 0.76
C ASN B 125 -37.02 -4.13 1.81
N GLY B 126 -35.81 -3.92 2.31
CA GLY B 126 -35.31 -4.74 3.40
C GLY B 126 -35.84 -4.25 4.74
N ASP B 127 -35.46 -4.98 5.79
CA ASP B 127 -35.90 -4.60 7.12
C ASP B 127 -35.20 -3.32 7.55
N ALA B 128 -35.66 -2.77 8.66
CA ALA B 128 -35.18 -1.48 9.13
C ALA B 128 -33.66 -1.51 9.21
N ASN B 129 -33.03 -0.64 8.43
CA ASN B 129 -31.59 -0.39 8.42
C ASN B 129 -30.78 -1.53 7.81
N LYS B 130 -31.41 -2.66 7.52
CA LYS B 130 -30.76 -3.72 6.76
C LYS B 130 -30.98 -3.55 5.26
N LYS B 131 -30.82 -2.32 4.78
CA LYS B 131 -30.89 -2.03 3.33
C LYS B 131 -29.58 -1.53 2.71
N ALA B 132 -28.99 -0.50 3.31
CA ALA B 132 -27.71 0.05 2.88
C ALA B 132 -26.59 -0.73 3.57
N VAL B 133 -26.02 -1.69 2.85
CA VAL B 133 -25.00 -2.59 3.35
C VAL B 133 -23.69 -2.40 2.59
N THR B 134 -22.59 -2.22 3.34
CA THR B 134 -21.24 -2.31 2.79
C THR B 134 -20.65 -3.68 3.10
N TRP B 135 -20.10 -4.33 2.06
CA TRP B 135 -19.41 -5.61 2.16
C TRP B 135 -17.90 -5.45 2.07
N ASN B 136 -17.17 -6.30 2.78
CA ASN B 136 -15.70 -6.35 2.75
C ASN B 136 -15.26 -7.80 2.57
N LEU B 137 -14.68 -8.12 1.42
CA LEU B 137 -14.28 -9.49 1.10
C LEU B 137 -12.79 -9.72 1.44
N TYR B 138 -12.43 -9.55 2.73
CA TYR B 138 -11.02 -9.56 3.14
C TYR B 138 -10.35 -10.91 2.94
N GLY B 139 -11.07 -12.02 3.11
CA GLY B 139 -10.52 -13.32 2.81
C GLY B 139 -9.81 -13.35 1.47
N GLN B 140 -10.34 -12.65 0.48
CA GLN B 140 -9.67 -12.53 -0.80
C GLN B 140 -8.32 -11.82 -0.71
N LEU B 141 -7.93 -11.31 0.46
CA LEU B 141 -6.61 -10.70 0.58
C LEU B 141 -5.72 -11.41 1.59
N VAL B 142 -6.01 -12.68 1.91
CA VAL B 142 -5.32 -13.36 3.00
C VAL B 142 -3.83 -13.59 2.73
N LYS B 143 -3.36 -13.53 1.48
CA LYS B 143 -1.91 -13.43 1.36
C LYS B 143 -1.51 -12.39 0.32
N LYS B 144 -2.43 -11.51 -0.08
CA LYS B 144 -2.01 -10.28 -0.77
C LYS B 144 -1.62 -9.21 0.23
N LYS B 145 -0.74 -9.57 1.17
CA LYS B 145 -0.52 -8.73 2.36
C LYS B 145 0.44 -7.60 2.11
N GLU B 146 0.66 -7.31 0.83
CA GLU B 146 1.21 -6.02 0.40
C GLU B 146 0.26 -4.89 0.75
N LEU B 147 -1.04 -5.15 0.62
CA LEU B 147 -2.05 -4.12 0.83
C LEU B 147 -2.01 -3.57 2.24
N PHE B 148 -1.68 -4.41 3.24
CA PHE B 148 -1.75 -4.02 4.64
C PHE B 148 -0.48 -3.39 5.17
N GLN B 149 0.59 -3.33 4.36
CA GLN B 149 1.86 -2.82 4.85
C GLN B 149 1.85 -1.29 4.95
N ASN B 150 1.16 -0.63 4.02
CA ASN B 150 0.89 0.80 4.15
C ASN B 150 -0.42 0.99 4.89
N VAL B 151 -0.33 1.40 6.17
CA VAL B 151 -1.52 1.52 6.99
C VAL B 151 -2.34 2.73 6.59
N ASP B 152 -1.67 3.88 6.46
CA ASP B 152 -2.40 5.11 6.19
C ASP B 152 -3.20 5.00 4.90
N LYS B 153 -2.51 4.62 3.81
CA LYS B 153 -3.16 4.43 2.51
C LYS B 153 -4.31 3.44 2.56
N PHE B 154 -4.23 2.45 3.45
CA PHE B 154 -5.32 1.48 3.64
C PHE B 154 -6.53 2.13 4.30
N VAL B 155 -6.30 2.82 5.43
CA VAL B 155 -7.45 3.35 6.16
C VAL B 155 -8.18 4.39 5.33
N ARG B 156 -7.46 5.17 4.53
CA ARG B 156 -8.13 6.07 3.61
C ARG B 156 -9.08 5.31 2.68
N TYR B 157 -8.70 4.10 2.29
CA TYR B 157 -9.59 3.38 1.39
C TYR B 157 -10.81 2.88 2.15
N ARG B 158 -10.64 2.46 3.41
CA ARG B 158 -11.81 1.99 4.16
C ARG B 158 -12.70 3.15 4.58
N ILE B 159 -12.12 4.26 5.04
CA ILE B 159 -12.96 5.39 5.37
C ILE B 159 -13.81 5.78 4.17
N GLY B 160 -13.18 5.87 3.01
CA GLY B 160 -13.91 6.27 1.82
C GLY B 160 -15.08 5.36 1.53
N LEU B 161 -14.97 4.10 1.92
CA LEU B 161 -16.10 3.20 1.75
C LEU B 161 -17.20 3.49 2.78
N MET B 162 -16.81 3.99 3.94
CA MET B 162 -17.82 4.34 4.88
C MET B 162 -18.71 5.42 4.33
N GLU B 163 -18.11 6.51 3.85
CA GLU B 163 -18.88 7.65 3.35
C GLU B 163 -19.73 7.27 2.13
N LYS B 164 -19.16 6.48 1.23
CA LYS B 164 -19.90 5.95 0.10
C LYS B 164 -21.12 5.17 0.56
N GLY B 165 -21.07 4.55 1.73
CA GLY B 165 -22.23 3.83 2.23
C GLY B 165 -23.23 4.71 2.98
N LEU B 166 -22.75 5.75 3.64
CA LEU B 166 -23.68 6.66 4.30
C LEU B 166 -24.57 7.39 3.29
N SER B 167 -24.07 7.62 2.08
CA SER B 167 -24.85 8.43 1.15
C SER B 167 -26.16 7.75 0.76
N LEU B 168 -26.33 6.47 1.08
CA LEU B 168 -27.59 5.79 0.87
C LEU B 168 -28.49 5.81 2.10
N LEU B 169 -28.18 6.66 3.08
CA LEU B 169 -28.91 6.68 4.34
C LEU B 169 -29.84 7.88 4.38
N ASP B 170 -31.14 7.61 4.51
CA ASP B 170 -32.16 8.65 4.68
C ASP B 170 -32.28 8.97 6.17
N PHE B 171 -31.63 10.04 6.62
CA PHE B 171 -31.69 10.37 8.04
C PHE B 171 -33.12 10.69 8.49
N THR B 172 -33.86 11.45 7.66
CA THR B 172 -35.28 11.64 7.98
C THR B 172 -36.02 10.31 8.18
N SER B 173 -35.47 9.20 7.71
CA SER B 173 -36.20 7.95 7.71
C SER B 173 -36.20 7.30 9.10
N SER B 174 -37.17 6.43 9.30
CA SER B 174 -37.18 5.50 10.42
C SER B 174 -36.40 4.25 10.08
N ASP B 175 -36.78 3.57 8.97
CA ASP B 175 -36.30 2.24 8.59
C ASP B 175 -35.06 2.26 7.67
N ASN B 176 -34.37 3.40 7.55
CA ASN B 176 -33.12 3.44 6.82
C ASN B 176 -32.14 4.45 7.41
N ASN B 177 -32.17 4.61 8.72
CA ASN B 177 -31.38 5.60 9.43
C ASN B 177 -30.05 5.01 9.94
N TYR B 178 -29.89 3.70 9.81
CA TYR B 178 -28.69 3.01 10.25
C TYR B 178 -28.17 2.14 9.10
N MET B 179 -26.86 1.89 9.12
CA MET B 179 -26.17 1.12 8.07
C MET B 179 -25.60 -0.16 8.66
N THR B 180 -25.81 -1.30 7.97
CA THR B 180 -25.28 -2.58 8.42
C THR B 180 -24.22 -3.14 7.46
N GLN B 181 -23.23 -3.82 8.03
CA GLN B 181 -21.96 -4.13 7.36
C GLN B 181 -21.66 -5.63 7.39
N VAL B 182 -21.05 -6.14 6.31
CA VAL B 182 -20.62 -7.54 6.28
C VAL B 182 -19.10 -7.60 6.13
N HIS B 183 -18.49 -8.62 6.74
CA HIS B 183 -17.12 -9.03 6.46
C HIS B 183 -17.20 -10.48 6.02
N ASP B 184 -16.65 -10.78 4.83
CA ASP B 184 -16.48 -12.15 4.34
C ASP B 184 -15.03 -12.53 4.48
N TYR B 185 -14.76 -13.56 5.26
CA TYR B 185 -13.38 -13.96 5.52
C TYR B 185 -13.04 -15.30 4.88
N LYS B 186 -13.82 -15.73 3.87
CA LYS B 186 -13.59 -17.01 3.22
C LYS B 186 -12.19 -17.09 2.67
N GLY B 187 -11.39 -18.00 3.19
CA GLY B 187 -10.02 -18.16 2.75
C GLY B 187 -8.94 -17.69 3.71
N VAL B 188 -9.28 -17.29 4.94
CA VAL B 188 -8.25 -16.82 5.88
C VAL B 188 -7.51 -18.02 6.44
N SER B 189 -6.34 -17.74 7.01
CA SER B 189 -5.53 -18.78 7.59
C SER B 189 -4.88 -18.26 8.87
N VAL B 190 -4.75 -19.17 9.84
CA VAL B 190 -4.37 -18.76 11.18
C VAL B 190 -2.94 -18.28 11.25
N TRP B 191 -2.07 -18.76 10.36
CA TRP B 191 -0.66 -18.41 10.45
C TRP B 191 -0.40 -17.01 9.93
N ARG B 192 -1.19 -16.60 8.94
CA ARG B 192 -1.04 -15.32 8.26
C ARG B 192 -1.94 -14.26 8.89
N MET B 193 -1.69 -13.97 10.17
CA MET B 193 -2.37 -12.88 10.88
C MET B 193 -1.31 -11.92 11.37
N ASP B 194 -0.86 -11.07 10.45
CA ASP B 194 0.34 -10.29 10.67
C ASP B 194 0.05 -9.17 11.66
N SER B 195 1.09 -8.36 11.93
CA SER B 195 0.91 -7.13 12.69
C SER B 195 0.27 -6.03 11.85
N ASP B 196 0.49 -6.05 10.53
CA ASP B 196 -0.22 -5.13 9.63
C ASP B 196 -1.72 -5.26 9.82
N ILE B 197 -2.26 -6.41 9.47
CA ILE B 197 -3.70 -6.63 9.60
C ILE B 197 -4.18 -6.17 10.95
N LYS B 198 -3.40 -6.46 11.99
CA LYS B 198 -3.80 -5.97 13.30
C LYS B 198 -3.73 -4.46 13.35
N ASN B 199 -2.71 -3.87 12.72
CA ASN B 199 -2.53 -2.42 12.80
C ASN B 199 -3.64 -1.69 12.08
N CYS B 200 -3.86 -2.02 10.81
CA CYS B 200 -4.98 -1.46 10.05
C CYS B 200 -6.28 -1.52 10.84
N SER B 201 -6.72 -2.74 11.16
CA SER B 201 -8.01 -2.93 11.78
C SER B 201 -8.11 -2.21 13.13
N LYS B 202 -7.05 -2.27 13.94
CA LYS B 202 -7.04 -1.48 15.17
C LYS B 202 -7.20 0.01 14.86
N THR B 203 -6.41 0.52 13.91
CA THR B 203 -6.54 1.92 13.52
C THR B 203 -7.96 2.21 13.03
N VAL B 204 -8.45 1.40 12.11
CA VAL B 204 -9.77 1.66 11.53
C VAL B 204 -10.85 1.59 12.59
N ILE B 205 -10.70 0.68 13.54
CA ILE B 205 -11.71 0.52 14.58
C ILE B 205 -11.73 1.74 15.48
N GLY B 206 -10.53 2.25 15.84
CA GLY B 206 -10.47 3.48 16.62
C GLY B 206 -11.24 4.62 15.97
N ILE B 207 -11.23 4.66 14.64
CA ILE B 207 -11.91 5.72 13.92
C ILE B 207 -13.43 5.53 13.97
N PHE B 208 -13.96 4.35 13.61
CA PHE B 208 -15.42 4.20 13.71
C PHE B 208 -15.91 4.29 15.15
N GLN B 209 -15.04 4.04 16.12
CA GLN B 209 -15.44 4.20 17.51
C GLN B 209 -15.49 5.68 17.89
N LYS B 210 -14.41 6.43 17.65
CA LYS B 210 -14.37 7.84 18.03
C LYS B 210 -15.19 8.77 17.13
N TYR B 211 -15.47 8.41 15.87
CA TYR B 211 -15.97 9.42 14.95
C TYR B 211 -17.13 9.02 14.06
N TYR B 212 -17.69 7.82 14.20
CA TYR B 212 -18.89 7.46 13.42
C TYR B 212 -19.93 6.83 14.33
N PRO B 213 -20.28 7.49 15.43
CA PRO B 213 -21.14 6.83 16.42
C PRO B 213 -22.59 6.82 16.00
N GLU B 214 -23.27 5.75 16.41
CA GLU B 214 -24.71 5.57 16.23
C GLU B 214 -25.09 5.56 14.76
N LEU B 215 -24.31 4.84 13.94
CA LEU B 215 -24.66 4.57 12.54
C LEU B 215 -24.72 3.10 12.16
N LEU B 216 -24.19 2.20 13.00
CA LEU B 216 -24.10 0.79 12.68
C LEU B 216 -25.24 0.02 13.32
N TYR B 217 -26.01 -0.71 12.52
CA TYR B 217 -27.11 -1.52 13.06
C TYR B 217 -26.74 -2.98 13.31
N ALA B 218 -26.46 -3.76 12.26
CA ALA B 218 -25.89 -5.10 12.39
C ALA B 218 -24.52 -5.12 11.74
N LYS B 219 -23.70 -6.10 12.12
CA LYS B 219 -22.38 -6.32 11.50
C LYS B 219 -22.10 -7.83 11.45
N TYR B 220 -22.29 -8.43 10.28
CA TYR B 220 -22.10 -9.87 10.13
C TYR B 220 -20.67 -10.23 9.73
N PHE B 221 -20.08 -11.23 10.42
CA PHE B 221 -18.76 -11.79 10.06
C PHE B 221 -18.93 -13.24 9.67
N VAL B 222 -18.70 -13.57 8.39
CA VAL B 222 -19.11 -14.84 7.83
C VAL B 222 -17.91 -15.62 7.30
N ASN B 223 -18.14 -16.92 7.12
CA ASN B 223 -17.11 -17.88 6.74
C ASN B 223 -15.88 -17.69 7.64
N VAL B 224 -16.11 -17.72 8.94
CA VAL B 224 -15.00 -17.71 9.88
C VAL B 224 -14.88 -19.11 10.48
N PRO B 225 -13.90 -19.88 10.06
CA PRO B 225 -13.49 -21.10 10.79
C PRO B 225 -13.51 -20.93 12.32
N THR B 226 -13.94 -21.95 13.06
CA THR B 226 -13.93 -21.79 14.51
C THR B 226 -12.54 -21.77 15.11
N VAL B 227 -11.46 -21.87 14.35
CA VAL B 227 -10.16 -21.75 14.99
C VAL B 227 -9.80 -20.30 15.22
N PHE B 228 -10.68 -19.37 14.85
CA PHE B 228 -10.41 -17.96 15.02
C PHE B 228 -11.09 -17.37 16.25
N GLY B 229 -11.66 -18.21 17.11
CA GLY B 229 -12.11 -17.79 18.41
C GLY B 229 -11.16 -16.79 19.07
N TRP B 230 -9.91 -17.20 19.30
CA TRP B 230 -8.93 -16.31 19.91
C TRP B 230 -8.81 -14.98 19.18
N VAL B 231 -9.21 -14.93 17.91
CA VAL B 231 -9.07 -13.69 17.14
C VAL B 231 -10.23 -12.75 17.46
N TYR B 232 -11.45 -13.27 17.33
CA TYR B 232 -12.64 -12.54 17.73
C TYR B 232 -12.50 -11.98 19.13
N ASP B 233 -11.93 -12.75 20.02
CA ASP B 233 -11.82 -12.36 21.38
C ASP B 233 -10.97 -11.17 21.57
N LEU B 234 -9.83 -11.10 20.91
CA LEU B 234 -8.99 -9.91 21.03
C LEU B 234 -9.38 -8.60 20.40
N ILE B 235 -10.01 -8.58 19.25
CA ILE B 235 -10.50 -7.34 18.76
C ILE B 235 -11.64 -6.77 19.58
N LYS B 236 -12.56 -7.60 19.98
CA LYS B 236 -13.77 -7.13 20.62
C LYS B 236 -13.34 -6.30 21.76
N LYS B 237 -12.27 -6.69 22.37
CA LYS B 237 -11.71 -5.87 23.44
C LYS B 237 -11.35 -4.47 22.99
N PHE B 238 -11.55 -4.11 21.72
CA PHE B 238 -11.23 -2.76 21.27
C PHE B 238 -12.47 -1.91 21.03
N VAL B 239 -13.66 -2.45 21.24
CA VAL B 239 -14.88 -1.73 20.98
C VAL B 239 -15.76 -1.71 22.23
N ASP B 240 -16.53 -0.63 22.37
CA ASP B 240 -17.47 -0.50 23.47
C ASP B 240 -18.53 -1.59 23.41
N GLU B 241 -19.11 -1.87 24.58
CA GLU B 241 -20.17 -2.88 24.67
C GLU B 241 -21.27 -2.59 23.67
N THR B 242 -21.58 -1.30 23.46
CA THR B 242 -22.61 -0.87 22.53
C THR B 242 -22.48 -1.57 21.19
N THR B 243 -21.28 -1.52 20.60
CA THR B 243 -21.05 -2.15 19.29
C THR B 243 -21.05 -3.67 19.39
N ARG B 244 -20.24 -4.22 20.32
CA ARG B 244 -20.11 -5.65 20.56
C ARG B 244 -21.44 -6.40 20.43
N LYS B 245 -22.52 -5.82 20.94
CA LYS B 245 -23.81 -6.48 20.93
C LYS B 245 -24.45 -6.51 19.55
N LYS B 246 -23.89 -5.78 18.58
CA LYS B 246 -24.40 -5.83 17.23
C LYS B 246 -23.72 -6.91 16.39
N PHE B 247 -22.52 -7.33 16.80
CA PHE B 247 -21.75 -8.34 16.09
C PHE B 247 -22.47 -9.68 16.11
N VAL B 248 -22.36 -10.41 14.98
CA VAL B 248 -22.83 -11.80 14.84
C VAL B 248 -21.83 -12.54 13.95
N VAL B 249 -21.48 -13.77 14.34
CA VAL B 249 -20.39 -14.49 13.70
C VAL B 249 -20.95 -15.79 13.16
N LEU B 250 -20.72 -16.03 11.88
CA LEU B 250 -21.25 -17.22 11.24
C LEU B 250 -20.13 -17.95 10.51
N THR B 251 -19.73 -19.11 11.03
CA THR B 251 -19.16 -20.10 10.13
C THR B 251 -20.20 -20.38 9.05
N ASP B 252 -19.72 -20.69 7.84
CA ASP B 252 -20.64 -21.06 6.77
C ASP B 252 -21.62 -19.92 6.47
N GLY B 253 -21.06 -18.85 5.89
CA GLY B 253 -21.82 -17.70 5.45
C GLY B 253 -23.05 -17.98 4.60
N SER B 254 -23.17 -19.18 4.02
CA SER B 254 -24.34 -19.52 3.23
C SER B 254 -25.64 -19.26 3.98
N LYS B 255 -25.57 -19.17 5.30
CA LYS B 255 -26.73 -18.85 6.12
C LYS B 255 -26.93 -17.36 6.32
N LEU B 256 -26.20 -16.51 5.60
CA LEU B 256 -26.42 -15.08 5.76
C LEU B 256 -27.79 -14.67 5.25
N GLY B 257 -28.30 -15.37 4.24
CA GLY B 257 -29.64 -15.09 3.74
C GLY B 257 -30.70 -15.11 4.81
N GLN B 258 -30.48 -15.88 5.89
CA GLN B 258 -31.41 -15.88 7.01
C GLN B 258 -31.48 -14.49 7.67
N TYR B 259 -30.44 -13.67 7.53
CA TYR B 259 -30.35 -12.40 8.24
C TYR B 259 -30.49 -11.17 7.34
N LEU B 260 -29.99 -11.22 6.11
CA LEU B 260 -30.27 -10.20 5.10
C LEU B 260 -31.18 -10.85 4.08
N LYS B 261 -32.46 -10.46 4.09
CA LYS B 261 -33.46 -11.17 3.29
C LYS B 261 -33.13 -11.07 1.80
N ASP B 262 -32.85 -9.86 1.31
CA ASP B 262 -32.55 -9.67 -0.10
C ASP B 262 -31.04 -9.50 -0.32
N CYS B 263 -30.32 -10.55 0.02
CA CYS B 263 -28.90 -10.67 -0.22
C CYS B 263 -28.70 -11.68 -1.34
N PRO B 264 -27.54 -11.71 -1.98
CA PRO B 264 -27.36 -12.69 -3.05
C PRO B 264 -27.49 -14.10 -2.51
N TYR B 265 -28.39 -14.87 -3.12
CA TYR B 265 -28.31 -16.32 -3.09
C TYR B 265 -26.98 -16.69 -3.73
N GLU B 266 -26.63 -17.99 -3.78
CA GLU B 266 -25.36 -18.36 -4.42
C GLU B 266 -24.17 -17.80 -3.64
N GLY B 267 -23.89 -18.45 -2.49
CA GLY B 267 -22.71 -18.23 -1.69
C GLY B 267 -23.12 -17.69 -0.33
N TYR B 268 -24.01 -16.73 -0.40
CA TYR B 268 -24.90 -16.37 0.68
C TYR B 268 -26.26 -16.92 0.26
N GLY B 269 -27.19 -17.04 1.20
CA GLY B 269 -28.37 -17.81 0.85
C GLY B 269 -29.67 -17.03 0.74
N GLY B 270 -29.61 -15.80 0.19
CA GLY B 270 -30.72 -14.87 0.28
C GLY B 270 -31.70 -14.94 -0.89
N LYS B 271 -32.75 -14.12 -0.79
CA LYS B 271 -33.86 -14.18 -1.73
C LYS B 271 -33.39 -14.01 -3.18
N ASP B 272 -32.32 -13.27 -3.39
CA ASP B 272 -31.96 -12.71 -4.69
C ASP B 272 -31.03 -13.62 -5.48
N LYS B 273 -31.55 -14.80 -5.83
CA LYS B 273 -30.92 -15.74 -6.77
C LYS B 273 -30.76 -15.08 -8.14
N LYS B 274 -31.27 -13.85 -8.22
CA LYS B 274 -31.19 -12.89 -9.31
C LYS B 274 -29.76 -12.53 -9.71
N ASN B 275 -29.04 -11.78 -8.84
CA ASN B 275 -27.69 -11.33 -9.13
C ASN B 275 -26.76 -11.70 -7.98
N ASN B 276 -25.58 -12.18 -8.34
CA ASN B 276 -24.57 -12.39 -7.31
C ASN B 276 -24.11 -11.04 -6.76
N LEU B 277 -23.17 -11.08 -5.82
CA LEU B 277 -22.76 -9.85 -5.15
C LEU B 277 -22.00 -8.92 -6.08
N THR B 278 -21.25 -9.49 -7.03
CA THR B 278 -20.61 -8.64 -8.04
C THR B 278 -21.66 -7.78 -8.72
N LYS B 279 -22.75 -8.40 -9.19
CA LYS B 279 -23.76 -7.71 -10.00
C LYS B 279 -24.77 -6.93 -9.17
N GLN B 280 -24.82 -7.16 -7.87
CA GLN B 280 -25.68 -6.40 -6.97
C GLN B 280 -25.02 -5.12 -6.48
N ASN B 281 -23.76 -4.88 -6.86
CA ASN B 281 -23.00 -3.74 -6.37
C ASN B 281 -23.69 -2.43 -6.78
N VAL B 282 -23.18 -1.32 -6.24
CA VAL B 282 -23.63 0.03 -6.55
C VAL B 282 -22.40 0.91 -6.75
N THR B 283 -22.08 1.24 -8.00
CA THR B 283 -20.80 1.87 -8.32
C THR B 283 -20.88 3.32 -8.78
N ASN B 284 -22.04 3.98 -8.65
CA ASN B 284 -22.27 5.33 -9.16
C ASN B 284 -22.93 6.13 -8.05
N VAL B 285 -22.14 6.73 -7.15
CA VAL B 285 -22.67 7.02 -5.83
C VAL B 285 -22.88 8.49 -5.51
N HIS B 286 -22.41 9.44 -6.34
CA HIS B 286 -23.01 10.78 -6.20
C HIS B 286 -22.91 11.42 -4.83
N PRO B 287 -21.84 12.08 -4.48
CA PRO B 287 -21.80 12.80 -3.20
C PRO B 287 -23.00 13.73 -2.94
N THR B 288 -23.12 14.24 -1.72
CA THR B 288 -24.27 15.08 -1.39
C THR B 288 -24.11 16.47 -1.97
N GLU B 289 -25.26 17.13 -2.14
CA GLU B 289 -25.30 18.50 -2.67
C GLU B 289 -24.37 19.42 -1.90
N TYR B 290 -24.32 19.30 -0.57
CA TYR B 290 -23.33 20.08 0.16
C TYR B 290 -21.91 19.56 -0.12
N GLY B 291 -21.73 18.24 -0.09
CA GLY B 291 -20.38 17.68 -0.15
C GLY B 291 -19.68 17.88 -1.49
N LEU B 292 -20.42 17.78 -2.59
CA LEU B 292 -19.87 18.16 -3.88
C LEU B 292 -19.25 19.55 -3.83
N TYR B 293 -19.90 20.47 -3.12
CA TYR B 293 -19.41 21.84 -3.03
C TYR B 293 -18.04 21.89 -2.34
N ILE B 294 -17.94 21.40 -1.09
CA ILE B 294 -16.70 21.61 -0.34
C ILE B 294 -15.55 20.84 -0.99
N LEU B 295 -15.86 19.77 -1.72
CA LEU B 295 -14.81 19.01 -2.37
C LEU B 295 -14.22 19.79 -3.54
N GLN B 296 -15.07 20.39 -4.36
CA GLN B 296 -14.65 21.08 -5.54
C GLN B 296 -13.94 22.42 -5.25
N LYS B 297 -13.66 22.82 -4.02
CA LYS B 297 -12.99 24.09 -3.77
C LYS B 297 -11.63 23.88 -3.13
N GLN B 298 -11.07 22.68 -3.26
CA GLN B 298 -9.72 22.39 -2.79
C GLN B 298 -8.93 21.70 -3.90
N ILE B 299 -7.60 21.85 -3.81
CA ILE B 299 -6.63 21.42 -4.81
C ILE B 299 -5.77 20.31 -4.23
N ILE B 300 -4.86 19.76 -5.02
CA ILE B 300 -4.01 18.65 -4.62
C ILE B 300 -2.57 19.11 -4.60
N GLU B 301 -1.82 18.79 -3.54
CA GLU B 301 -0.36 18.97 -3.68
C GLU B 301 0.44 17.67 -3.42
N MET C 11 33.27 -5.08 -0.06
CA MET C 11 32.22 -4.63 0.85
C MET C 11 31.12 -3.87 0.08
N LYS C 12 30.16 -3.28 0.80
CA LYS C 12 29.09 -2.46 0.21
C LYS C 12 28.68 -1.37 1.22
N PHE C 13 28.77 -0.10 0.80
CA PHE C 13 28.26 1.03 1.59
C PHE C 13 27.77 2.11 0.62
N ASP C 14 26.47 2.41 0.63
CA ASP C 14 25.96 3.39 -0.33
C ASP C 14 26.33 4.82 0.09
N ASN C 15 25.95 5.23 1.29
CA ASN C 15 26.67 6.33 1.92
C ASN C 15 28.10 5.87 2.23
N ASP C 16 28.94 6.77 2.71
CA ASP C 16 30.28 6.41 3.14
C ASP C 16 30.70 6.98 4.50
N SER C 17 29.98 7.96 5.09
CA SER C 17 30.04 8.14 6.55
C SER C 17 29.14 7.13 7.27
N GLU C 18 28.42 6.35 6.47
CA GLU C 18 27.95 5.02 6.84
C GLU C 18 28.94 3.90 6.51
N LYS C 19 29.99 4.20 5.76
CA LYS C 19 31.17 3.33 5.80
C LYS C 19 32.15 3.80 6.86
N GLN C 20 32.13 5.10 7.19
CA GLN C 20 32.79 5.59 8.40
C GLN C 20 32.34 4.84 9.63
N VAL C 21 31.20 4.13 9.55
CA VAL C 21 30.72 3.19 10.58
C VAL C 21 31.86 2.36 11.12
N PHE C 22 32.72 1.93 10.19
CA PHE C 22 33.55 0.77 10.40
C PHE C 22 34.93 1.12 10.91
N ASP C 23 35.43 2.30 10.55
CA ASP C 23 36.87 2.56 10.65
C ASP C 23 37.28 3.14 12.00
N LYS C 24 36.47 4.04 12.57
CA LYS C 24 36.69 4.48 13.95
C LYS C 24 36.01 3.55 14.95
N LEU C 25 35.09 2.71 14.49
CA LEU C 25 34.55 1.65 15.35
C LEU C 25 35.68 0.78 15.89
N LYS C 26 36.59 0.38 15.00
CA LYS C 26 37.62 -0.57 15.39
C LYS C 26 38.99 0.06 15.60
N LYS C 27 39.14 1.38 15.47
CA LYS C 27 40.28 2.07 16.08
C LYS C 27 39.91 2.75 17.39
N ALA C 28 38.65 2.64 17.80
CA ALA C 28 38.23 2.89 19.18
C ALA C 28 38.31 1.61 20.02
N ILE C 29 38.84 0.52 19.47
CA ILE C 29 38.88 -0.79 20.10
C ILE C 29 39.67 -0.90 21.40
N PRO C 30 40.60 0.04 21.78
CA PRO C 30 41.04 0.02 23.19
C PRO C 30 39.88 0.30 24.14
N GLY C 31 39.24 1.46 23.97
CA GLY C 31 38.08 1.80 24.78
C GLY C 31 36.95 0.79 24.71
N ILE C 32 36.81 0.08 23.58
CA ILE C 32 35.74 -0.91 23.56
C ILE C 32 36.00 -2.01 24.58
N ILE C 33 37.23 -2.49 24.66
CA ILE C 33 37.52 -3.76 25.30
C ILE C 33 38.39 -3.65 26.56
N LYS C 34 39.19 -2.59 26.69
CA LYS C 34 39.99 -2.44 27.91
C LYS C 34 39.12 -2.04 29.09
N GLU C 35 38.26 -1.04 28.91
CA GLU C 35 37.57 -0.38 30.02
C GLU C 35 36.14 -0.88 30.23
N LYS C 36 35.39 -1.15 29.16
CA LYS C 36 34.01 -1.60 29.29
C LYS C 36 33.84 -3.11 29.13
N CYS C 37 34.89 -3.85 28.73
CA CYS C 37 34.78 -5.28 28.44
C CYS C 37 35.62 -6.17 29.34
N ALA C 38 36.39 -5.62 30.28
CA ALA C 38 37.30 -6.39 31.13
C ALA C 38 38.43 -7.02 30.31
N GLY C 39 38.43 -6.81 29.00
CA GLY C 39 39.46 -7.31 28.11
C GLY C 39 38.97 -8.27 27.05
N TYR C 40 37.72 -8.73 27.14
CA TYR C 40 37.26 -9.83 26.31
C TYR C 40 36.99 -9.38 24.87
N ASP C 41 37.40 -10.20 23.89
CA ASP C 41 37.27 -9.83 22.47
C ASP C 41 36.94 -11.02 21.58
N GLU C 42 36.06 -11.91 22.01
CA GLU C 42 35.66 -13.05 21.18
C GLU C 42 34.21 -12.90 20.76
N LEU C 43 33.90 -13.45 19.60
CA LEU C 43 32.59 -13.27 18.99
C LEU C 43 32.38 -14.44 18.03
N TYR C 44 31.52 -15.38 18.41
CA TYR C 44 31.30 -16.62 17.65
C TYR C 44 32.60 -17.37 17.41
N GLY C 45 33.63 -17.04 18.17
CA GLY C 45 34.90 -17.74 18.13
C GLY C 45 36.07 -17.03 17.47
N TYR C 46 36.00 -15.71 17.25
CA TYR C 46 37.08 -14.99 16.59
C TYR C 46 37.52 -13.77 17.41
N LYS C 47 38.83 -13.63 17.61
CA LYS C 47 39.35 -12.47 18.31
C LYS C 47 39.10 -11.28 17.40
N LEU C 48 39.06 -10.08 17.99
CA LEU C 48 39.09 -8.88 17.17
C LEU C 48 39.81 -7.66 17.76
N ASN C 49 40.36 -7.73 18.97
CA ASN C 49 41.22 -6.65 19.44
C ASN C 49 42.67 -7.12 19.37
N PRO C 50 43.50 -6.53 18.49
CA PRO C 50 44.81 -7.14 18.18
C PRO C 50 45.83 -7.04 19.31
N GLU C 51 45.56 -7.62 20.47
CA GLU C 51 46.56 -7.79 21.52
C GLU C 51 46.22 -8.93 22.50
N VAL C 58 48.48 -13.42 20.95
CA VAL C 58 49.04 -12.16 20.47
C VAL C 58 48.87 -12.00 18.97
N ASP C 59 49.32 -12.99 18.21
CA ASP C 59 49.52 -12.80 16.77
C ASP C 59 48.62 -13.66 15.89
N LYS C 60 48.71 -14.99 15.94
CA LYS C 60 48.07 -15.82 14.92
C LYS C 60 46.71 -16.36 15.33
N TYR C 61 46.50 -16.61 16.63
CA TYR C 61 45.16 -17.01 17.08
C TYR C 61 44.34 -15.73 17.02
N TYR C 62 44.18 -15.24 15.79
CA TYR C 62 43.67 -13.92 15.46
C TYR C 62 43.42 -13.93 13.96
N ASP C 63 42.65 -12.93 13.54
CA ASP C 63 42.29 -12.76 12.15
C ASP C 63 41.62 -11.41 12.00
N GLU C 64 42.03 -10.60 11.03
CA GLU C 64 41.16 -9.54 10.53
C GLU C 64 40.90 -9.73 9.03
N LYS C 65 41.07 -10.97 8.54
CA LYS C 65 40.96 -11.38 7.15
C LYS C 65 39.60 -11.05 6.56
N ILE C 66 38.61 -11.85 6.91
CA ILE C 66 37.21 -11.55 6.66
C ILE C 66 36.44 -11.85 7.94
N ALA C 67 37.18 -11.96 9.04
CA ALA C 67 36.61 -11.88 10.37
C ALA C 67 36.10 -10.48 10.70
N ASP C 68 36.16 -9.61 9.72
CA ASP C 68 35.40 -8.38 9.77
C ASP C 68 34.22 -8.47 8.85
N ARG C 69 34.12 -9.54 8.07
CA ARG C 69 32.94 -9.73 7.26
C ARG C 69 31.77 -9.90 8.19
N LEU C 70 32.01 -10.51 9.35
CA LEU C 70 30.97 -10.53 10.36
C LEU C 70 30.67 -9.11 10.73
N THR C 71 31.70 -8.32 10.96
CA THR C 71 31.45 -7.00 11.51
C THR C 71 30.67 -6.20 10.48
N TYR C 72 30.64 -6.69 9.25
CA TYR C 72 29.79 -6.11 8.25
C TYR C 72 28.39 -6.22 8.76
N LYS C 73 28.02 -7.39 9.31
CA LYS C 73 26.62 -7.57 9.61
C LYS C 73 26.13 -6.73 10.77
N LEU C 74 26.88 -6.75 11.87
CA LEU C 74 26.41 -6.16 13.12
C LEU C 74 25.97 -4.70 12.96
N CYS C 75 26.49 -4.00 11.96
CA CYS C 75 25.97 -2.68 11.60
C CYS C 75 24.79 -2.73 10.67
N LYS C 76 24.54 -3.89 10.04
CA LYS C 76 23.29 -4.14 9.32
C LYS C 76 22.10 -4.36 10.28
N ALA C 77 22.35 -4.48 11.60
CA ALA C 77 21.33 -4.83 12.57
C ALA C 77 21.18 -3.79 13.68
N TYR C 78 21.74 -2.59 13.48
CA TYR C 78 21.43 -1.43 14.32
C TYR C 78 21.32 -0.19 13.43
N GLN C 79 21.38 -0.39 12.12
CA GLN C 79 21.43 0.62 11.05
C GLN C 79 22.32 1.81 11.41
N PHE C 80 23.58 1.45 11.63
CA PHE C 80 24.76 2.28 11.45
C PHE C 80 24.87 3.38 12.49
N GLU C 81 23.96 3.43 13.46
CA GLU C 81 24.02 4.45 14.49
C GLU C 81 25.09 4.12 15.52
N TYR C 82 25.75 5.17 16.02
CA TYR C 82 26.87 4.99 16.94
C TYR C 82 26.42 4.82 18.39
N SER C 83 25.41 5.58 18.81
CA SER C 83 24.95 5.48 20.19
C SER C 83 24.24 4.14 20.51
N THR C 84 24.31 3.17 19.63
CA THR C 84 23.89 1.85 20.03
C THR C 84 24.95 0.80 19.74
N ILE C 85 25.23 0.63 18.46
CA ILE C 85 26.02 -0.52 18.06
C ILE C 85 27.07 -0.85 19.11
N VAL C 86 27.79 0.18 19.56
CA VAL C 86 28.80 0.07 20.59
C VAL C 86 28.24 -0.54 21.87
N GLN C 87 27.33 0.19 22.54
CA GLN C 87 26.91 -0.18 23.88
C GLN C 87 25.97 -1.39 23.90
N ASN C 88 25.62 -1.95 22.75
CA ASN C 88 25.01 -3.26 22.70
C ASN C 88 25.90 -4.30 22.03
N LEU C 89 27.01 -3.89 21.41
CA LEU C 89 28.10 -4.84 21.21
C LEU C 89 28.79 -5.15 22.53
N ILE C 90 29.00 -4.12 23.36
CA ILE C 90 29.51 -4.33 24.73
C ILE C 90 28.63 -5.34 25.48
N ASP C 91 27.31 -5.20 25.37
CA ASP C 91 26.40 -6.18 25.95
C ASP C 91 26.53 -7.54 25.27
N ILE C 92 26.83 -7.56 23.95
CA ILE C 92 27.08 -8.83 23.28
C ILE C 92 28.30 -9.52 23.88
N LEU C 93 29.39 -8.77 24.02
CA LEU C 93 30.66 -9.35 24.42
C LEU C 93 30.64 -9.79 25.87
N ASN C 94 30.24 -8.90 26.78
CA ASN C 94 30.27 -9.22 28.19
C ASN C 94 29.15 -10.17 28.60
N TRP C 95 28.19 -10.44 27.71
CA TRP C 95 27.35 -11.61 27.90
C TRP C 95 28.16 -12.89 27.70
N ARG C 96 29.08 -12.90 26.72
CA ARG C 96 29.93 -14.06 26.50
C ARG C 96 30.80 -14.41 27.71
N ARG C 97 30.97 -13.49 28.65
CA ARG C 97 31.79 -13.75 29.83
C ARG C 97 31.00 -14.33 30.99
N GLU C 98 30.00 -13.58 31.47
CA GLU C 98 29.20 -14.04 32.59
C GLU C 98 28.44 -15.30 32.23
N PHE C 99 27.90 -15.35 31.02
CA PHE C 99 27.20 -16.52 30.46
C PHE C 99 28.09 -17.06 29.36
N ASN C 100 28.97 -17.98 29.72
CA ASN C 100 29.92 -18.56 28.79
C ASN C 100 29.15 -19.29 27.70
N PRO C 101 29.08 -18.74 26.48
CA PRO C 101 28.33 -19.43 25.42
C PRO C 101 29.10 -20.59 24.84
N LEU C 102 30.38 -20.40 24.56
CA LEU C 102 31.08 -21.40 23.80
C LEU C 102 31.32 -22.65 24.62
N SER C 103 31.39 -22.50 25.95
CA SER C 103 31.50 -23.67 26.83
C SER C 103 30.31 -24.59 26.65
N CYS C 104 29.10 -24.03 26.68
CA CYS C 104 27.84 -24.74 26.42
C CYS C 104 27.95 -25.68 25.23
N ALA C 105 28.66 -25.27 24.19
CA ALA C 105 28.68 -26.06 22.96
C ALA C 105 29.58 -27.28 23.09
N TYR C 106 30.73 -27.14 23.74
CA TYR C 106 31.82 -28.09 23.56
C TYR C 106 32.35 -28.71 24.84
N LYS C 107 32.12 -28.12 26.00
CA LYS C 107 32.69 -28.70 27.21
C LYS C 107 31.65 -29.03 28.27
N GLU C 108 30.58 -28.23 28.40
CA GLU C 108 29.47 -28.60 29.27
C GLU C 108 28.73 -29.81 28.70
N VAL C 109 28.34 -30.72 29.59
CA VAL C 109 27.59 -31.93 29.22
C VAL C 109 26.17 -31.79 29.75
N HIS C 110 25.20 -31.85 28.85
CA HIS C 110 23.81 -31.52 29.14
C HIS C 110 22.99 -32.77 29.42
N ASN C 111 21.84 -32.55 30.09
CA ASN C 111 20.91 -33.65 30.37
C ASN C 111 20.73 -34.49 29.12
N THR C 112 20.75 -35.81 29.29
CA THR C 112 20.95 -36.63 28.10
C THR C 112 19.73 -36.57 27.18
N GLU C 113 18.51 -36.58 27.73
CA GLU C 113 17.43 -36.58 26.75
C GLU C 113 17.07 -35.18 26.26
N LEU C 114 17.81 -34.16 26.66
CA LEU C 114 17.72 -32.90 25.93
C LEU C 114 18.48 -32.95 24.62
N GLN C 115 19.52 -33.77 24.51
CA GLN C 115 20.28 -33.77 23.26
C GLN C 115 19.81 -34.82 22.28
N ASN C 116 19.02 -35.80 22.71
CA ASN C 116 18.39 -36.71 21.74
C ASN C 116 17.34 -36.03 20.91
N VAL C 117 17.04 -34.77 21.21
CA VAL C 117 16.01 -33.99 20.53
C VAL C 117 16.57 -32.74 19.89
N GLY C 118 17.86 -32.44 20.08
CA GLY C 118 18.56 -31.43 19.28
C GLY C 118 19.47 -32.07 18.24
N ILE C 119 19.46 -31.53 17.03
CA ILE C 119 20.11 -32.18 15.89
C ILE C 119 20.71 -31.10 14.99
N LEU C 120 21.79 -31.46 14.29
CA LEU C 120 22.47 -30.57 13.36
C LEU C 120 22.68 -31.32 12.05
N THR C 121 22.28 -30.73 10.93
CA THR C 121 22.51 -31.35 9.64
C THR C 121 22.98 -30.30 8.65
N PHE C 122 24.20 -30.50 8.13
CA PHE C 122 24.81 -29.65 7.11
C PHE C 122 24.74 -30.33 5.75
N ASP C 123 24.57 -29.53 4.70
CA ASP C 123 24.52 -30.08 3.34
C ASP C 123 25.02 -29.00 2.38
N ALA C 124 26.30 -29.06 2.04
CA ALA C 124 26.93 -28.03 1.20
C ALA C 124 26.42 -28.04 -0.24
N ASN C 125 25.69 -29.07 -0.64
CA ASN C 125 25.10 -29.15 -1.97
C ASN C 125 23.74 -28.46 -2.07
N GLY C 126 23.39 -27.62 -1.09
CA GLY C 126 22.08 -27.02 -0.99
C GLY C 126 22.06 -25.54 -1.32
N ASP C 127 20.90 -24.93 -1.08
CA ASP C 127 20.62 -23.55 -1.44
C ASP C 127 21.21 -22.57 -0.42
N ALA C 128 21.28 -21.31 -0.82
CA ALA C 128 22.07 -20.30 -0.10
C ALA C 128 21.47 -20.08 1.29
N ASN C 129 22.28 -20.36 2.31
CA ASN C 129 21.94 -20.27 3.72
C ASN C 129 21.00 -21.39 4.15
N LYS C 130 20.64 -22.31 3.27
CA LYS C 130 19.74 -23.42 3.57
C LYS C 130 20.51 -24.74 3.68
N LYS C 131 21.76 -24.65 4.15
CA LYS C 131 22.59 -25.82 4.40
C LYS C 131 22.83 -26.16 5.88
N ALA C 132 23.22 -25.15 6.67
CA ALA C 132 23.33 -25.32 8.12
C ALA C 132 21.94 -25.15 8.75
N VAL C 133 21.26 -26.28 8.99
CA VAL C 133 19.90 -26.26 9.52
C VAL C 133 19.88 -27.01 10.86
N THR C 134 19.69 -26.25 11.96
CA THR C 134 19.49 -26.87 13.28
C THR C 134 18.03 -27.26 13.46
N TRP C 135 17.81 -28.26 14.30
CA TRP C 135 16.49 -28.87 14.45
C TRP C 135 16.16 -29.01 15.93
N ASN C 136 14.87 -28.91 16.26
CA ASN C 136 14.40 -29.17 17.62
C ASN C 136 13.15 -30.03 17.55
N LEU C 137 13.27 -31.29 17.98
CA LEU C 137 12.15 -32.21 17.91
C LEU C 137 11.31 -32.12 19.18
N TYR C 138 10.87 -30.88 19.44
CA TYR C 138 10.16 -30.53 20.67
C TYR C 138 8.88 -31.32 20.80
N GLY C 139 8.25 -31.67 19.69
CA GLY C 139 7.18 -32.65 19.69
C GLY C 139 7.34 -33.85 20.62
N GLN C 140 8.57 -34.37 20.77
CA GLN C 140 8.84 -35.49 21.67
C GLN C 140 9.19 -35.08 23.10
N LEU C 141 9.23 -33.79 23.41
CA LEU C 141 9.45 -33.41 24.80
C LEU C 141 8.15 -33.21 25.54
N VAL C 142 7.02 -33.46 24.89
CA VAL C 142 5.77 -32.79 25.25
C VAL C 142 5.36 -33.14 26.67
N LYS C 143 5.07 -34.41 26.94
CA LYS C 143 4.66 -34.74 28.30
C LYS C 143 5.82 -35.16 29.18
N LYS C 144 7.04 -35.27 28.62
CA LYS C 144 8.22 -35.27 29.48
C LYS C 144 8.56 -33.84 29.87
N LYS C 145 7.57 -33.09 30.39
CA LYS C 145 7.77 -31.66 30.64
C LYS C 145 8.75 -31.39 31.77
N GLU C 146 9.21 -32.42 32.47
CA GLU C 146 10.15 -32.22 33.57
C GLU C 146 11.39 -31.45 33.14
N LEU C 147 11.77 -31.53 31.86
CA LEU C 147 13.04 -30.95 31.42
C LEU C 147 13.03 -29.43 31.35
N PHE C 148 11.86 -28.79 31.43
CA PHE C 148 11.77 -27.33 31.37
C PHE C 148 11.76 -26.68 32.73
N GLN C 149 11.49 -27.42 33.81
CA GLN C 149 11.46 -26.68 35.07
C GLN C 149 12.84 -26.25 35.54
N ASN C 150 13.88 -26.49 34.76
CA ASN C 150 15.21 -25.96 35.03
C ASN C 150 15.58 -25.05 33.88
N VAL C 151 15.14 -23.79 33.97
CA VAL C 151 15.20 -22.92 32.80
C VAL C 151 16.64 -22.55 32.47
N ASP C 152 17.49 -22.46 33.49
CA ASP C 152 18.87 -22.06 33.24
C ASP C 152 19.60 -23.15 32.46
N LYS C 153 19.54 -24.38 32.99
CA LYS C 153 20.08 -25.54 32.29
C LYS C 153 19.55 -25.62 30.88
N PHE C 154 18.24 -25.39 30.70
CA PHE C 154 17.67 -25.51 29.36
C PHE C 154 18.39 -24.59 28.38
N VAL C 155 18.36 -23.28 28.65
CA VAL C 155 18.92 -22.32 27.69
C VAL C 155 20.41 -22.57 27.49
N ARG C 156 21.12 -23.02 28.53
CA ARG C 156 22.53 -23.36 28.36
C ARG C 156 22.71 -24.55 27.42
N TYR C 157 21.81 -25.54 27.50
CA TYR C 157 21.78 -26.58 26.47
C TYR C 157 21.46 -25.98 25.12
N ARG C 158 20.54 -25.01 25.09
CA ARG C 158 19.98 -24.58 23.81
C ARG C 158 20.91 -23.59 23.12
N ILE C 159 21.57 -22.74 23.88
CA ILE C 159 22.61 -21.86 23.33
C ILE C 159 23.75 -22.71 22.78
N GLY C 160 24.09 -23.79 23.49
CA GLY C 160 25.05 -24.76 23.01
C GLY C 160 24.80 -25.15 21.57
N LEU C 161 23.68 -25.81 21.30
CA LEU C 161 23.34 -26.17 19.92
C LEU C 161 23.34 -24.96 19.00
N MET C 162 23.14 -23.75 19.53
CA MET C 162 23.18 -22.58 18.66
C MET C 162 24.55 -22.44 18.02
N GLU C 163 25.60 -22.30 18.84
CA GLU C 163 26.95 -22.07 18.32
C GLU C 163 27.56 -23.31 17.71
N LYS C 164 27.08 -24.51 18.07
CA LYS C 164 27.43 -25.69 17.30
C LYS C 164 26.98 -25.55 15.85
N GLY C 165 25.90 -24.81 15.62
CA GLY C 165 25.44 -24.57 14.26
C GLY C 165 26.09 -23.40 13.59
N LEU C 166 26.88 -22.63 14.33
CA LEU C 166 27.57 -21.47 13.81
C LEU C 166 29.06 -21.70 13.59
N SER C 167 29.65 -22.67 14.28
CA SER C 167 30.96 -23.15 13.84
C SER C 167 30.89 -23.79 12.45
N LEU C 168 29.70 -24.08 11.94
CA LEU C 168 29.51 -24.65 10.61
C LEU C 168 29.20 -23.61 9.56
N LEU C 169 29.54 -22.35 9.78
CA LEU C 169 29.19 -21.33 8.82
C LEU C 169 30.43 -20.71 8.18
N ASP C 170 30.25 -20.29 6.92
CA ASP C 170 31.31 -19.78 6.05
C ASP C 170 31.09 -18.27 5.87
N PHE C 171 31.59 -17.49 6.84
CA PHE C 171 31.24 -16.08 7.02
C PHE C 171 31.98 -15.27 5.96
N THR C 172 31.42 -15.32 4.76
CA THR C 172 32.13 -15.12 3.50
C THR C 172 31.14 -14.53 2.52
N SER C 173 31.27 -14.91 1.24
CA SER C 173 30.58 -14.25 0.14
C SER C 173 29.09 -14.07 0.40
N SER C 174 28.28 -15.11 0.17
CA SER C 174 26.85 -14.88 0.23
C SER C 174 26.05 -16.08 0.73
N ASP C 175 26.59 -17.28 0.55
CA ASP C 175 25.75 -18.49 0.62
C ASP C 175 25.95 -19.29 1.90
N ASN C 176 26.67 -18.73 2.86
CA ASN C 176 26.74 -19.36 4.16
C ASN C 176 26.82 -18.40 5.32
N ASN C 177 26.51 -17.12 5.14
CA ASN C 177 26.63 -16.22 6.28
C ASN C 177 25.42 -16.28 7.20
N TYR C 178 24.40 -17.10 6.90
CA TYR C 178 23.15 -17.19 7.64
C TYR C 178 22.74 -18.64 7.85
N MET C 179 22.16 -18.92 9.02
CA MET C 179 21.68 -20.24 9.40
C MET C 179 20.15 -20.27 9.37
N THR C 180 19.56 -21.46 9.13
CA THR C 180 18.10 -21.62 9.20
C THR C 180 17.67 -22.79 10.08
N GLN C 181 17.03 -22.47 11.22
CA GLN C 181 16.56 -23.43 12.22
C GLN C 181 15.23 -24.07 11.80
N VAL C 182 14.79 -25.04 12.60
CA VAL C 182 13.54 -25.77 12.35
C VAL C 182 13.06 -26.35 13.67
N HIS C 183 11.73 -26.34 13.88
CA HIS C 183 11.08 -26.98 15.02
C HIS C 183 10.07 -27.98 14.49
N ASP C 184 10.12 -29.20 15.02
CA ASP C 184 9.10 -30.21 14.80
C ASP C 184 8.28 -30.36 16.08
N TYR C 185 6.97 -30.16 15.97
CA TYR C 185 6.06 -30.21 17.11
C TYR C 185 5.06 -31.36 16.97
N LYS C 186 5.50 -32.53 16.52
CA LYS C 186 4.54 -33.60 16.32
C LYS C 186 4.10 -34.12 17.68
N GLY C 187 2.77 -34.13 17.88
CA GLY C 187 2.21 -34.60 19.13
C GLY C 187 2.23 -33.61 20.28
N VAL C 188 2.21 -32.31 19.99
CA VAL C 188 1.94 -31.34 21.04
C VAL C 188 0.45 -31.39 21.33
N SER C 189 0.09 -31.13 22.57
CA SER C 189 -1.31 -31.10 23.00
C SER C 189 -1.74 -29.66 23.13
N VAL C 190 -2.92 -29.35 22.62
CA VAL C 190 -3.40 -27.99 22.79
C VAL C 190 -3.68 -27.68 24.27
N TRP C 191 -3.81 -28.70 25.12
CA TRP C 191 -4.12 -28.52 26.54
C TRP C 191 -2.90 -28.36 27.42
N ARG C 192 -1.73 -28.82 26.99
CA ARG C 192 -0.56 -28.86 27.86
C ARG C 192 0.46 -27.78 27.54
N MET C 193 0.02 -26.58 27.16
CA MET C 193 0.91 -25.50 26.74
C MET C 193 1.25 -24.57 27.91
N ASP C 194 1.91 -25.11 28.91
CA ASP C 194 1.90 -24.48 30.21
C ASP C 194 3.11 -23.55 30.44
N SER C 195 3.15 -22.92 31.62
CA SER C 195 4.03 -21.77 31.85
C SER C 195 5.50 -22.14 31.89
N ASP C 196 5.84 -23.36 32.32
CA ASP C 196 7.24 -23.80 32.23
C ASP C 196 7.76 -23.62 30.80
N ILE C 197 6.99 -24.13 29.84
CA ILE C 197 7.35 -24.09 28.43
C ILE C 197 7.41 -22.65 27.94
N LYS C 198 6.53 -21.80 28.46
CA LYS C 198 6.39 -20.43 27.94
C LYS C 198 7.62 -19.57 28.26
N ASN C 199 8.31 -19.83 29.37
CA ASN C 199 9.37 -18.92 29.76
C ASN C 199 10.77 -19.39 29.35
N CYS C 200 10.97 -20.68 29.07
CA CYS C 200 12.17 -21.08 28.33
C CYS C 200 12.17 -20.48 26.94
N SER C 201 11.07 -20.65 26.19
CA SER C 201 11.01 -20.07 24.86
C SER C 201 11.29 -18.58 24.92
N LYS C 202 10.75 -17.87 25.91
CA LYS C 202 10.87 -16.42 25.81
C LYS C 202 12.24 -15.92 26.28
N THR C 203 12.86 -16.56 27.29
CA THR C 203 14.20 -16.09 27.65
C THR C 203 15.22 -16.49 26.57
N VAL C 204 15.10 -17.71 26.03
CA VAL C 204 15.91 -18.09 24.86
C VAL C 204 15.76 -17.04 23.75
N ILE C 205 14.52 -16.69 23.41
CA ILE C 205 14.32 -15.75 22.32
C ILE C 205 14.92 -14.39 22.67
N GLY C 206 14.96 -14.05 23.95
CA GLY C 206 15.60 -12.80 24.34
C GLY C 206 17.06 -12.77 23.94
N ILE C 207 17.75 -13.90 24.10
CA ILE C 207 19.16 -14.03 23.79
C ILE C 207 19.42 -14.08 22.27
N PHE C 208 18.47 -14.55 21.48
CA PHE C 208 18.64 -14.56 20.03
C PHE C 208 18.53 -13.18 19.41
N GLN C 209 17.94 -12.21 20.11
CA GLN C 209 17.78 -10.86 19.58
C GLN C 209 18.80 -9.89 20.17
N LYS C 210 18.89 -9.83 21.50
CA LYS C 210 19.86 -8.96 22.14
C LYS C 210 21.29 -9.35 21.77
N TYR C 211 21.58 -10.66 21.71
CA TYR C 211 22.96 -11.15 21.65
C TYR C 211 23.29 -12.01 20.44
N TYR C 212 22.33 -12.31 19.56
CA TYR C 212 22.62 -13.09 18.34
C TYR C 212 22.05 -12.43 17.10
N PRO C 213 22.28 -11.12 16.93
CA PRO C 213 21.53 -10.37 15.92
C PRO C 213 21.91 -10.81 14.53
N GLU C 214 20.91 -10.85 13.66
CA GLU C 214 21.05 -11.16 12.24
C GLU C 214 22.02 -12.31 11.95
N LEU C 215 21.67 -13.49 12.46
CA LEU C 215 22.20 -14.75 11.94
C LEU C 215 21.11 -15.67 11.41
N LEU C 216 19.89 -15.60 11.95
CA LEU C 216 18.77 -16.39 11.46
C LEU C 216 18.42 -15.98 10.03
N TYR C 217 18.11 -16.95 9.19
CA TYR C 217 17.71 -16.66 7.83
C TYR C 217 16.28 -17.06 7.52
N ALA C 218 15.86 -18.28 7.91
CA ALA C 218 14.49 -18.74 7.64
C ALA C 218 14.11 -19.84 8.63
N LYS C 219 13.40 -19.48 9.71
CA LYS C 219 12.93 -20.49 10.66
C LYS C 219 11.61 -21.10 10.20
N TYR C 220 11.42 -22.37 10.54
CA TYR C 220 10.29 -23.16 10.09
C TYR C 220 9.66 -23.84 11.29
N PHE C 221 8.36 -24.07 11.21
CA PHE C 221 7.61 -24.72 12.28
C PHE C 221 6.66 -25.69 11.62
N VAL C 222 6.79 -26.97 11.94
CA VAL C 222 6.03 -27.96 11.21
C VAL C 222 5.33 -28.90 12.18
N ASN C 223 4.35 -29.63 11.63
CA ASN C 223 3.48 -30.49 12.42
C ASN C 223 2.76 -29.68 13.51
N VAL C 224 2.38 -28.45 13.15
CA VAL C 224 1.61 -27.54 14.01
C VAL C 224 0.19 -27.54 13.53
N PRO C 225 -0.76 -28.14 14.26
CA PRO C 225 -2.16 -28.10 13.85
C PRO C 225 -2.79 -26.70 13.99
N THR C 226 -3.87 -26.49 13.21
CA THR C 226 -4.43 -25.14 13.10
C THR C 226 -5.00 -24.61 14.41
N VAL C 227 -5.25 -25.47 15.41
CA VAL C 227 -5.71 -25.02 16.72
C VAL C 227 -4.63 -24.34 17.54
N PHE C 228 -3.43 -24.18 17.00
CA PHE C 228 -2.36 -23.58 17.80
C PHE C 228 -2.11 -22.13 17.43
N GLY C 229 -3.00 -21.53 16.62
CA GLY C 229 -2.74 -20.20 16.10
C GLY C 229 -2.56 -19.17 17.20
N TRP C 230 -3.34 -19.29 18.28
CA TRP C 230 -3.19 -18.38 19.40
C TRP C 230 -1.78 -18.46 20.00
N VAL C 231 -1.20 -19.66 20.02
CA VAL C 231 0.17 -19.84 20.49
C VAL C 231 1.15 -19.14 19.56
N TYR C 232 0.98 -19.35 18.26
CA TYR C 232 1.79 -18.63 17.30
C TYR C 232 1.74 -17.13 17.59
N ASP C 233 0.52 -16.58 17.75
CA ASP C 233 0.36 -15.14 17.91
C ASP C 233 1.00 -14.60 19.20
N LEU C 234 0.81 -15.29 20.34
CA LEU C 234 1.43 -14.84 21.59
C LEU C 234 2.95 -14.82 21.48
N ILE C 235 3.55 -15.86 20.90
CA ILE C 235 5.00 -15.94 20.83
C ILE C 235 5.57 -14.75 20.08
N LYS C 236 4.98 -14.44 18.92
CA LYS C 236 5.56 -13.44 18.03
C LYS C 236 5.63 -12.08 18.69
N LYS C 237 4.83 -11.83 19.69
CA LYS C 237 4.96 -10.57 20.40
C LYS C 237 6.31 -10.48 21.18
N PHE C 238 7.24 -11.41 20.96
CA PHE C 238 8.56 -11.37 21.58
C PHE C 238 9.72 -11.25 20.60
N VAL C 239 9.48 -11.37 19.29
CA VAL C 239 10.53 -11.16 18.30
C VAL C 239 10.38 -9.78 17.70
N ASP C 240 11.51 -9.12 17.43
CA ASP C 240 11.56 -7.92 16.60
C ASP C 240 10.89 -8.26 15.28
N GLU C 241 10.46 -7.26 14.52
CA GLU C 241 9.70 -7.61 13.31
C GLU C 241 10.59 -8.27 12.26
N THR C 242 11.88 -7.92 12.22
CA THR C 242 12.74 -8.37 11.12
C THR C 242 12.93 -9.88 11.13
N THR C 243 13.19 -10.48 12.32
CA THR C 243 13.22 -11.94 12.39
C THR C 243 11.84 -12.53 12.09
N ARG C 244 10.78 -11.80 12.45
CA ARG C 244 9.42 -12.35 12.41
C ARG C 244 8.99 -12.73 10.98
N LYS C 245 9.37 -11.91 9.99
CA LYS C 245 8.97 -12.14 8.61
C LYS C 245 9.61 -13.37 7.98
N LYS C 246 10.51 -14.04 8.72
CA LYS C 246 11.17 -15.24 8.22
C LYS C 246 10.36 -16.50 8.50
N PHE C 247 9.56 -16.50 9.57
CA PHE C 247 8.89 -17.71 10.01
C PHE C 247 7.97 -18.24 8.93
N VAL C 248 7.78 -19.56 8.95
CA VAL C 248 6.93 -20.31 8.03
C VAL C 248 6.36 -21.49 8.80
N VAL C 249 5.07 -21.74 8.65
CA VAL C 249 4.37 -22.71 9.49
C VAL C 249 3.71 -23.71 8.58
N LEU C 250 4.15 -24.96 8.66
CA LEU C 250 3.63 -26.02 7.83
C LEU C 250 2.77 -26.91 8.71
N THR C 251 1.46 -26.84 8.53
CA THR C 251 0.63 -27.69 9.36
C THR C 251 0.89 -29.15 9.01
N ASP C 252 1.11 -29.45 7.73
CA ASP C 252 1.49 -30.79 7.28
C ASP C 252 3.01 -30.86 7.15
N GLY C 253 3.63 -31.79 7.88
CA GLY C 253 5.09 -31.81 7.98
C GLY C 253 5.81 -32.35 6.76
N SER C 254 5.17 -33.25 6.02
CA SER C 254 5.72 -33.77 4.77
C SER C 254 6.21 -32.65 3.87
N LYS C 255 5.38 -31.66 3.65
CA LYS C 255 5.66 -30.66 2.63
C LYS C 255 6.73 -29.65 3.07
N LEU C 256 7.49 -29.94 4.14
CA LEU C 256 8.69 -29.16 4.44
C LEU C 256 9.77 -29.39 3.39
N GLY C 257 9.83 -30.60 2.84
CA GLY C 257 10.78 -30.95 1.82
C GLY C 257 10.74 -30.06 0.60
N GLN C 258 9.83 -29.10 0.57
CA GLN C 258 9.85 -28.15 -0.53
C GLN C 258 10.71 -26.94 -0.24
N TYR C 259 10.76 -26.50 1.01
CA TYR C 259 11.57 -25.34 1.34
C TYR C 259 13.06 -25.70 1.46
N LEU C 260 13.36 -26.73 2.26
CA LEU C 260 14.70 -27.29 2.40
C LEU C 260 14.59 -28.75 1.95
N LYS C 261 15.26 -29.09 0.83
CA LYS C 261 14.79 -30.25 0.08
C LYS C 261 15.73 -31.45 -0.05
N ASP C 262 17.04 -31.31 0.08
CA ASP C 262 17.73 -32.58 0.35
C ASP C 262 17.79 -32.82 1.86
N CYS C 263 16.64 -32.61 2.47
CA CYS C 263 16.21 -32.97 3.81
C CYS C 263 15.75 -34.41 3.79
N PRO C 264 15.70 -35.04 4.95
CA PRO C 264 15.85 -36.49 5.06
C PRO C 264 14.76 -37.23 4.29
N TYR C 265 13.54 -36.72 4.36
CA TYR C 265 12.37 -37.37 3.78
C TYR C 265 11.90 -38.41 4.79
N GLU C 266 10.73 -38.98 4.56
CA GLU C 266 10.26 -40.09 5.37
C GLU C 266 9.66 -39.56 6.67
N GLY C 267 9.71 -38.24 6.81
CA GLY C 267 8.74 -37.50 7.58
C GLY C 267 8.68 -36.10 7.04
N TYR C 268 9.78 -35.65 6.44
CA TYR C 268 9.86 -34.31 5.88
C TYR C 268 9.87 -34.26 4.35
N GLY C 269 9.71 -35.40 3.70
CA GLY C 269 9.72 -35.45 2.24
C GLY C 269 10.98 -34.92 1.59
N GLY C 270 12.12 -35.19 2.20
CA GLY C 270 13.42 -34.78 1.70
C GLY C 270 13.92 -35.54 0.47
N LYS C 271 14.82 -34.93 -0.29
CA LYS C 271 15.61 -35.64 -1.29
C LYS C 271 16.87 -36.29 -0.67
N ASP C 272 16.64 -37.32 0.12
CA ASP C 272 17.69 -38.11 0.77
C ASP C 272 17.13 -39.46 1.24
N LYS C 273 16.38 -40.12 0.36
CA LYS C 273 15.59 -41.31 0.72
C LYS C 273 16.39 -42.39 1.44
N LYS C 274 17.72 -42.33 1.45
CA LYS C 274 18.46 -43.43 2.07
C LYS C 274 18.61 -43.22 3.58
N ASN C 275 19.03 -42.04 4.01
CA ASN C 275 19.33 -41.78 5.42
C ASN C 275 18.33 -40.77 6.01
N ASN C 276 17.74 -41.12 7.15
CA ASN C 276 16.75 -40.27 7.79
C ASN C 276 17.44 -39.22 8.69
N LEU C 277 16.65 -38.51 9.50
CA LEU C 277 17.18 -37.31 10.13
C LEU C 277 18.15 -37.65 11.28
N THR C 278 17.86 -38.69 12.04
CA THR C 278 18.78 -39.06 13.12
C THR C 278 20.16 -39.41 12.53
N LYS C 279 20.16 -40.17 11.42
CA LYS C 279 21.33 -40.60 10.67
C LYS C 279 21.98 -39.46 9.87
N GLN C 280 21.50 -38.21 10.01
CA GLN C 280 22.11 -37.04 9.38
C GLN C 280 22.86 -36.15 10.34
N ASN C 281 22.75 -36.38 11.65
CA ASN C 281 23.34 -35.47 12.62
C ASN C 281 24.86 -35.40 12.43
N VAL C 282 25.43 -34.27 12.83
CA VAL C 282 26.87 -34.06 12.82
C VAL C 282 27.38 -34.15 14.25
N THR C 283 28.06 -35.25 14.56
CA THR C 283 28.50 -35.57 15.90
C THR C 283 29.85 -34.95 16.27
N ASN C 284 30.76 -34.82 15.30
CA ASN C 284 32.11 -34.27 15.51
C ASN C 284 32.02 -32.77 15.73
N VAL C 285 32.01 -32.35 17.00
CA VAL C 285 31.61 -30.98 17.34
C VAL C 285 32.63 -29.97 16.82
N HIS C 286 33.88 -30.03 17.30
CA HIS C 286 34.98 -29.27 16.68
C HIS C 286 34.81 -27.75 16.72
N PRO C 287 35.20 -27.08 17.85
CA PRO C 287 35.21 -25.61 17.90
C PRO C 287 36.20 -24.90 16.99
N THR C 288 36.30 -23.57 17.18
CA THR C 288 37.31 -22.77 16.52
C THR C 288 38.64 -22.83 17.30
N GLU C 289 39.62 -22.08 16.82
CA GLU C 289 40.99 -22.09 17.33
C GLU C 289 41.27 -21.01 18.36
N TYR C 290 40.85 -19.75 18.12
CA TYR C 290 40.70 -18.82 19.21
C TYR C 290 39.57 -19.27 20.15
N GLY C 291 38.72 -20.17 19.66
CA GLY C 291 37.81 -20.91 20.52
C GLY C 291 38.57 -21.60 21.63
N LEU C 292 39.38 -22.61 21.28
CA LEU C 292 40.07 -23.36 22.32
C LEU C 292 41.20 -22.58 22.98
N TYR C 293 41.66 -21.50 22.33
CA TYR C 293 42.52 -20.56 23.05
C TYR C 293 41.87 -20.17 24.37
N ILE C 294 40.57 -19.84 24.33
CA ILE C 294 39.87 -19.39 25.52
C ILE C 294 39.29 -20.54 26.34
N LEU C 295 38.84 -21.63 25.71
CA LEU C 295 38.19 -22.70 26.45
C LEU C 295 39.11 -23.25 27.55
N GLN C 296 40.28 -23.77 27.17
CA GLN C 296 41.25 -24.30 28.14
C GLN C 296 42.10 -23.21 28.78
N LYS C 297 41.91 -21.94 28.39
CA LYS C 297 42.64 -20.84 29.01
C LYS C 297 42.33 -20.74 30.50
N GLN C 298 41.05 -20.78 30.86
CA GLN C 298 40.67 -20.40 32.22
C GLN C 298 40.10 -21.58 33.00
N ILE C 299 40.76 -22.74 32.91
CA ILE C 299 40.57 -23.80 33.90
C ILE C 299 41.59 -23.58 35.02
N ILE C 300 42.23 -22.42 35.02
CA ILE C 300 42.88 -21.87 36.21
C ILE C 300 42.12 -20.65 36.75
N GLU C 301 41.18 -20.07 35.99
CA GLU C 301 40.12 -19.21 36.57
C GLU C 301 39.08 -20.16 37.17
N ASP C 302 39.10 -20.29 38.50
CA ASP C 302 38.31 -21.28 39.22
C ASP C 302 37.03 -20.66 39.78
#